data_7H8N
#
_entry.id   7H8N
#
_cell.length_a   87.659
_cell.length_b   87.659
_cell.length_c   85.791
_cell.angle_alpha   90.00
_cell.angle_beta   90.00
_cell.angle_gamma   120.00
#
_symmetry.space_group_name_H-M   'P 31'
#
loop_
_entity.id
_entity.type
_entity.pdbx_description
1 polymer 'Non-structural protein 3'
2 non-polymer 'DIMETHYL SULFOXIDE'
3 non-polymer 2-AMINO-2-HYDROXYMETHYL-PROPANE-1,3-DIOL
4 non-polymer 'CHLORIDE ION'
5 non-polymer quinolin-6-amine
6 water water
#
_entity_poly.entity_id   1
_entity_poly.type   'polypeptide(L)'
_entity_poly.pdbx_seq_one_letter_code
;GAMAPSYRVKRMDIAKNDEECVVNAANPRGLPGDGVCKAVYKKWPESFKNSATPVGTAKTVMCGTYPVIHAVGPNFSNYT
ESEGDRELAAAYREVAKEVTRLGVNSVAIPLLSTGVYSGGKDRLTQSLNHLFTAMDSTDADVVIYCRDKEWEKKISEAIQ
MRT
;
_entity_poly.pdbx_strand_id   A,B,C,D
#
loop_
_chem_comp.id
_chem_comp.type
_chem_comp.name
_chem_comp.formula
CL non-polymer 'CHLORIDE ION' 'Cl -1'
DMS non-polymer 'DIMETHYL SULFOXIDE' 'C2 H6 O S'
ES5 non-polymer quinolin-6-amine 'C9 H8 N2'
TRS non-polymer 2-AMINO-2-HYDROXYMETHYL-PROPANE-1,3-DIOL 'C4 H12 N O3 1'
#
# COMPACT_ATOMS: atom_id res chain seq x y z
N GLY A 1 -22.58 9.39 2.83
CA GLY A 1 -22.33 10.65 3.64
C GLY A 1 -21.97 10.34 5.08
N ALA A 2 -21.43 11.31 5.83
CA ALA A 2 -21.19 11.17 7.28
C ALA A 2 -22.52 11.24 8.03
N MET A 3 -22.61 10.59 9.20
CA MET A 3 -23.88 10.51 9.96
C MET A 3 -24.31 11.92 10.43
N ALA A 4 -23.36 12.73 10.83
CA ALA A 4 -23.59 14.10 11.33
C ALA A 4 -22.46 14.96 10.80
N PRO A 5 -22.50 15.29 9.49
CA PRO A 5 -21.40 16.02 8.86
C PRO A 5 -20.84 17.19 9.69
N SER A 6 -19.51 17.27 9.86
CA SER A 6 -18.86 18.22 10.78
C SER A 6 -17.69 18.88 10.07
N TYR A 7 -17.19 19.99 10.65
CA TYR A 7 -15.86 20.57 10.37
C TYR A 7 -14.96 20.40 11.60
N ARG A 8 -13.70 20.04 11.36
CA ARG A 8 -12.66 19.93 12.40
C ARG A 8 -11.40 20.57 11.86
N VAL A 9 -10.48 20.90 12.75
CA VAL A 9 -9.15 21.41 12.36
C VAL A 9 -8.10 20.64 13.13
N LYS A 10 -7.02 20.29 12.47
CA LYS A 10 -5.87 19.65 13.13
C LYS A 10 -4.62 20.38 12.70
N ARG A 11 -3.67 20.50 13.64
CA ARG A 11 -2.34 21.13 13.40
C ARG A 11 -1.36 19.98 13.19
N MET A 12 -1.27 19.50 11.95
CA MET A 12 -0.35 18.39 11.60
C MET A 12 -0.20 18.32 10.07
N ASP A 13 0.75 17.51 9.67
CA ASP A 13 1.06 17.20 8.25
C ASP A 13 -0.14 16.50 7.59
N ILE A 14 -0.72 17.13 6.57
CA ILE A 14 -1.89 16.53 5.81
C ILE A 14 -1.51 15.19 5.18
N ALA A 15 -0.22 14.93 4.90
CA ALA A 15 0.26 13.61 4.42
C ALA A 15 0.01 12.48 5.43
N LYS A 16 -0.32 12.79 6.69
CA LYS A 16 -0.65 11.81 7.75
C LYS A 16 -2.13 11.87 8.12
N ASN A 17 -2.98 12.36 7.22
CA ASN A 17 -4.44 12.48 7.51
C ASN A 17 -5.08 11.12 7.79
N ASP A 18 -6.22 11.18 8.47
CA ASP A 18 -7.06 10.00 8.80
C ASP A 18 -8.38 10.08 8.06
N GLU A 19 -8.39 10.65 6.85
CA GLU A 19 -9.63 10.79 6.06
C GLU A 19 -9.60 9.89 4.81
N GLU A 20 -10.72 9.80 4.12
CA GLU A 20 -10.89 8.85 2.98
C GLU A 20 -10.31 9.44 1.67
N CYS A 21 -9.93 10.71 1.67
CA CYS A 21 -9.27 11.36 0.52
C CYS A 21 -8.62 12.67 0.98
N VAL A 22 -7.70 13.18 0.17
CA VAL A 22 -6.88 14.37 0.46
C VAL A 22 -7.03 15.36 -0.69
N VAL A 23 -7.03 16.64 -0.34
CA VAL A 23 -6.92 17.75 -1.32
C VAL A 23 -5.47 18.25 -1.29
N ASN A 24 -4.84 18.24 -2.44
CA ASN A 24 -3.50 18.84 -2.65
C ASN A 24 -3.67 20.34 -2.99
N ALA A 25 -2.88 21.20 -2.36
CA ALA A 25 -2.67 22.60 -2.78
C ALA A 25 -1.65 22.57 -3.94
N ALA A 26 -2.14 22.22 -5.10
CA ALA A 26 -1.35 21.92 -6.30
C ALA A 26 -0.87 23.19 -7.02
N ASN A 27 0.12 22.99 -7.89
CA ASN A 27 0.46 23.97 -8.93
C ASN A 27 -0.18 23.52 -10.23
N PRO A 28 -0.34 24.44 -11.20
CA PRO A 28 -1.04 24.11 -12.44
C PRO A 28 -0.33 23.05 -13.29
N ARG A 29 0.97 22.86 -13.09
CA ARG A 29 1.80 22.01 -13.97
C ARG A 29 1.94 20.59 -13.47
N GLY A 30 1.35 20.24 -12.32
CA GLY A 30 1.55 18.90 -11.77
C GLY A 30 2.93 18.66 -11.27
N LEU A 31 3.69 19.71 -10.89
CA LEU A 31 5.09 19.56 -10.46
C LEU A 31 5.10 19.24 -8.98
N PRO A 32 6.19 18.62 -8.48
CA PRO A 32 6.29 18.31 -7.06
C PRO A 32 6.17 19.52 -6.14
N GLY A 33 6.68 20.68 -6.56
CA GLY A 33 6.45 21.96 -5.84
C GLY A 33 7.07 22.01 -4.45
N ASP A 34 6.50 22.81 -3.54
CA ASP A 34 6.98 22.95 -2.14
C ASP A 34 5.80 22.97 -1.17
N GLY A 35 6.07 22.94 0.13
CA GLY A 35 5.04 23.03 1.19
C GLY A 35 4.13 21.81 1.17
N VAL A 36 2.82 22.01 1.27
CA VAL A 36 1.81 20.91 1.20
C VAL A 36 2.08 20.05 -0.03
N CYS A 37 2.30 20.67 -1.18
CA CYS A 37 2.38 19.96 -2.48
C CYS A 37 3.56 18.97 -2.42
N LYS A 38 4.69 19.38 -1.83
CA LYS A 38 5.89 18.50 -1.76
C LYS A 38 5.59 17.29 -0.84
N ALA A 39 4.91 17.53 0.27
CA ALA A 39 4.54 16.47 1.24
C ALA A 39 3.62 15.47 0.55
N VAL A 40 2.69 15.98 -0.27
CA VAL A 40 1.70 15.14 -1.02
C VAL A 40 2.49 14.35 -2.08
N TYR A 41 3.48 14.98 -2.71
CA TYR A 41 4.28 14.27 -3.75
C TYR A 41 5.07 13.12 -3.11
N LYS A 42 5.62 13.33 -1.92
CA LYS A 42 6.45 12.29 -1.23
C LYS A 42 5.57 11.10 -0.75
N LYS A 43 4.31 11.38 -0.40
CA LYS A 43 3.39 10.34 0.15
C LYS A 43 2.64 9.61 -0.97
N TRP A 44 2.21 10.29 -2.03
CA TRP A 44 1.34 9.77 -3.11
C TRP A 44 1.90 10.15 -4.47
N PRO A 45 3.17 9.85 -4.79
CA PRO A 45 3.76 10.29 -6.05
C PRO A 45 3.01 9.78 -7.28
N GLU A 46 2.37 8.61 -7.21
CA GLU A 46 1.63 8.03 -8.34
C GLU A 46 0.48 8.97 -8.74
N SER A 47 -0.02 9.77 -7.79
CA SER A 47 -1.17 10.67 -8.02
C SER A 47 -0.77 11.84 -8.92
N PHE A 48 0.52 12.00 -9.25
CA PHE A 48 0.93 13.15 -10.09
C PHE A 48 1.03 12.81 -11.58
N LYS A 49 0.58 11.62 -11.98
CA LYS A 49 0.42 11.25 -13.41
C LYS A 49 -0.71 12.07 -14.04
N ASN A 50 -0.38 12.95 -14.99
CA ASN A 50 -1.41 13.78 -15.69
C ASN A 50 -2.29 14.53 -14.67
N SER A 51 -1.65 15.11 -13.66
CA SER A 51 -2.37 15.95 -12.66
C SER A 51 -2.44 17.42 -13.07
N ALA A 52 -1.71 17.87 -14.08
CA ALA A 52 -1.70 19.29 -14.47
C ALA A 52 -3.12 19.74 -14.83
N THR A 53 -3.53 20.91 -14.33
CA THR A 53 -4.92 21.43 -14.47
C THR A 53 -4.87 22.95 -14.29
N PRO A 54 -5.77 23.73 -14.92
CA PRO A 54 -5.65 25.19 -14.81
C PRO A 54 -6.00 25.75 -13.44
N VAL A 55 -5.65 27.02 -13.24
CA VAL A 55 -6.02 27.71 -11.98
C VAL A 55 -7.54 27.69 -11.86
N GLY A 56 -8.05 27.53 -10.63
CA GLY A 56 -9.50 27.58 -10.36
C GLY A 56 -10.19 26.23 -10.59
N THR A 57 -9.43 25.17 -10.85
CA THR A 57 -9.97 23.81 -11.09
C THR A 57 -9.41 22.79 -10.14
N ALA A 58 -10.00 21.59 -10.14
CA ALA A 58 -9.54 20.46 -9.35
C ALA A 58 -9.55 19.25 -10.25
N LYS A 59 -8.53 18.43 -10.14
CA LYS A 59 -8.44 17.16 -10.91
C LYS A 59 -8.03 16.05 -9.96
N THR A 60 -8.80 14.95 -9.93
CA THR A 60 -8.52 13.82 -9.02
C THR A 60 -7.72 12.76 -9.76
N VAL A 61 -6.66 12.28 -9.14
CA VAL A 61 -5.89 11.11 -9.62
C VAL A 61 -5.78 10.15 -8.44
N MET A 62 -6.02 8.87 -8.70
N MET A 62 -6.05 8.88 -8.69
CA MET A 62 -6.00 7.81 -7.66
CA MET A 62 -5.96 7.81 -7.68
C MET A 62 -4.55 7.39 -7.40
C MET A 62 -4.48 7.48 -7.39
N CYS A 63 -4.17 7.23 -6.12
CA CYS A 63 -2.93 6.53 -5.71
C CYS A 63 -3.42 5.19 -5.13
N GLY A 64 -3.32 4.10 -5.90
CA GLY A 64 -4.01 2.84 -5.52
C GLY A 64 -5.49 3.08 -5.57
N THR A 65 -6.22 2.99 -4.45
CA THR A 65 -7.64 3.38 -4.40
C THR A 65 -7.85 4.65 -3.58
N TYR A 66 -6.78 5.35 -3.22
CA TYR A 66 -6.83 6.57 -2.37
C TYR A 66 -6.90 7.79 -3.28
N PRO A 67 -8.01 8.57 -3.30
CA PRO A 67 -8.10 9.72 -4.19
C PRO A 67 -7.33 10.96 -3.71
N VAL A 68 -6.53 11.54 -4.62
CA VAL A 68 -5.83 12.83 -4.41
C VAL A 68 -6.48 13.83 -5.34
N ILE A 69 -7.13 14.84 -4.75
CA ILE A 69 -7.87 15.89 -5.47
C ILE A 69 -6.87 17.06 -5.60
N HIS A 70 -6.27 17.24 -6.75
CA HIS A 70 -5.33 18.37 -7.01
C HIS A 70 -6.12 19.64 -7.25
N ALA A 71 -6.12 20.59 -6.29
CA ALA A 71 -6.87 21.86 -6.40
C ALA A 71 -5.89 23.02 -6.55
N VAL A 72 -6.06 23.76 -7.65
CA VAL A 72 -5.10 24.85 -8.04
C VAL A 72 -5.69 26.22 -7.66
N GLY A 73 -5.24 26.73 -6.53
CA GLY A 73 -5.53 28.10 -6.11
C GLY A 73 -4.69 29.06 -6.91
N PRO A 74 -5.15 30.32 -7.02
CA PRO A 74 -4.37 31.38 -7.67
C PRO A 74 -3.15 31.77 -6.84
N ASN A 75 -2.07 32.14 -7.54
CA ASN A 75 -0.91 32.83 -6.91
C ASN A 75 -1.19 34.35 -6.90
N PHE A 76 -1.45 34.93 -5.74
CA PHE A 76 -1.85 36.35 -5.60
C PHE A 76 -0.65 37.27 -5.96
N SER A 77 0.54 36.74 -6.13
CA SER A 77 1.65 37.52 -6.77
C SER A 77 1.30 37.90 -8.22
N ASN A 78 0.53 37.08 -8.93
CA ASN A 78 0.26 37.24 -10.39
C ASN A 78 -1.13 37.80 -10.64
N TYR A 79 -2.10 37.46 -9.79
CA TYR A 79 -3.53 37.84 -10.00
C TYR A 79 -3.78 39.16 -9.26
N THR A 80 -4.71 39.94 -9.78
CA THR A 80 -5.33 41.07 -9.01
C THR A 80 -6.13 40.48 -7.84
N GLU A 81 -6.32 41.28 -6.80
CA GLU A 81 -7.13 40.85 -5.61
C GLU A 81 -8.49 40.35 -6.10
N SER A 82 -9.13 41.05 -7.02
CA SER A 82 -10.49 40.75 -7.53
C SER A 82 -10.47 39.42 -8.31
N GLU A 83 -9.54 39.26 -9.23
CA GLU A 83 -9.50 38.02 -10.06
C GLU A 83 -9.06 36.82 -9.23
N GLY A 84 -8.12 37.02 -8.34
CA GLY A 84 -7.59 35.99 -7.44
C GLY A 84 -8.73 35.49 -6.57
N ASP A 85 -9.53 36.41 -6.04
CA ASP A 85 -10.64 36.04 -5.15
C ASP A 85 -11.63 35.16 -5.91
N ARG A 86 -11.92 35.47 -7.18
CA ARG A 86 -12.85 34.68 -8.03
C ARG A 86 -12.28 33.28 -8.24
N GLU A 87 -10.99 33.18 -8.58
CA GLU A 87 -10.38 31.85 -8.89
C GLU A 87 -10.29 31.03 -7.59
N LEU A 88 -10.06 31.67 -6.45
CA LEU A 88 -9.91 30.95 -5.16
C LEU A 88 -11.28 30.33 -4.79
N ALA A 89 -12.35 31.10 -4.95
CA ALA A 89 -13.72 30.58 -4.72
C ALA A 89 -14.00 29.43 -5.69
N ALA A 90 -13.62 29.58 -6.96
CA ALA A 90 -13.87 28.55 -7.99
C ALA A 90 -13.13 27.24 -7.63
N ALA A 91 -11.86 27.31 -7.24
CA ALA A 91 -11.08 26.10 -6.92
C ALA A 91 -11.86 25.28 -5.87
N TYR A 92 -12.34 25.95 -4.82
CA TYR A 92 -13.11 25.27 -3.75
C TYR A 92 -14.43 24.70 -4.29
N ARG A 93 -15.15 25.40 -5.16
CA ARG A 93 -16.40 24.81 -5.75
C ARG A 93 -16.04 23.52 -6.48
N GLU A 94 -14.90 23.47 -7.21
CA GLU A 94 -14.52 22.24 -7.96
C GLU A 94 -14.18 21.14 -6.96
N VAL A 95 -13.55 21.47 -5.83
CA VAL A 95 -13.27 20.45 -4.78
C VAL A 95 -14.60 19.84 -4.29
N ALA A 96 -15.61 20.66 -4.04
CA ALA A 96 -16.93 20.15 -3.55
C ALA A 96 -17.54 19.17 -4.57
N LYS A 97 -17.44 19.47 -5.86
CA LYS A 97 -17.94 18.59 -6.94
C LYS A 97 -17.20 17.25 -6.87
N GLU A 98 -15.86 17.26 -6.76
CA GLU A 98 -15.07 16.04 -6.77
C GLU A 98 -15.36 15.20 -5.52
N VAL A 99 -15.45 15.82 -4.36
CA VAL A 99 -15.73 15.11 -3.09
C VAL A 99 -17.09 14.40 -3.22
N THR A 100 -18.03 15.10 -3.82
CA THR A 100 -19.41 14.54 -4.01
C THR A 100 -19.33 13.37 -4.99
N ARG A 101 -18.69 13.55 -6.12
CA ARG A 101 -18.59 12.48 -7.16
C ARG A 101 -17.95 11.21 -6.59
N LEU A 102 -16.95 11.32 -5.75
CA LEU A 102 -16.15 10.20 -5.23
C LEU A 102 -16.98 9.42 -4.20
N GLY A 103 -17.97 10.04 -3.59
CA GLY A 103 -18.86 9.38 -2.61
C GLY A 103 -18.15 9.12 -1.29
N VAL A 104 -17.04 9.82 -1.00
CA VAL A 104 -16.29 9.69 0.27
C VAL A 104 -17.14 10.21 1.44
N ASN A 105 -16.88 9.71 2.65
CA ASN A 105 -17.52 10.21 3.87
C ASN A 105 -16.65 11.23 4.59
N SER A 106 -15.41 11.45 4.15
CA SER A 106 -14.48 12.40 4.83
C SER A 106 -13.42 12.85 3.83
N VAL A 107 -12.88 14.05 4.05
CA VAL A 107 -11.84 14.67 3.18
C VAL A 107 -10.93 15.51 4.09
N ALA A 108 -9.61 15.42 3.87
CA ALA A 108 -8.57 16.30 4.45
C ALA A 108 -8.30 17.43 3.47
N ILE A 109 -8.33 18.68 3.94
N ILE A 109 -8.39 18.68 3.94
CA ILE A 109 -8.21 19.87 3.06
CA ILE A 109 -8.23 19.90 3.09
C ILE A 109 -7.31 20.94 3.69
C ILE A 109 -7.22 20.85 3.73
N PRO A 110 -6.33 21.48 2.93
CA PRO A 110 -5.51 22.62 3.37
C PRO A 110 -6.23 23.92 2.99
N LEU A 111 -5.84 25.06 3.56
CA LEU A 111 -6.38 26.37 3.13
C LEU A 111 -5.60 26.85 1.90
N LEU A 112 -6.24 26.80 0.74
CA LEU A 112 -5.66 27.15 -0.56
C LEU A 112 -5.23 28.61 -0.56
N SER A 113 -4.12 28.86 -1.26
CA SER A 113 -3.54 30.21 -1.51
C SER A 113 -3.15 30.95 -0.20
N THR A 114 -2.85 30.27 0.89
CA THR A 114 -2.48 30.92 2.19
C THR A 114 -0.96 30.83 2.44
N GLY A 115 -0.22 30.05 1.68
CA GLY A 115 1.25 29.90 1.83
C GLY A 115 2.01 30.76 0.81
N VAL A 116 2.82 30.11 -0.04
CA VAL A 116 3.63 30.82 -1.07
C VAL A 116 2.77 31.42 -2.17
N TYR A 117 1.47 31.10 -2.27
CA TYR A 117 0.57 31.75 -3.25
C TYR A 117 -0.18 32.93 -2.63
N SER A 118 0.09 33.30 -1.37
CA SER A 118 -0.68 34.34 -0.62
C SER A 118 -0.32 35.76 -1.11
N GLY A 119 0.76 35.89 -1.89
CA GLY A 119 1.25 37.24 -2.25
C GLY A 119 1.66 38.04 -1.01
N GLY A 120 2.18 37.35 0.02
CA GLY A 120 2.67 37.92 1.30
C GLY A 120 1.57 38.46 2.22
N LYS A 121 0.30 38.06 2.02
CA LYS A 121 -0.83 38.56 2.85
C LYS A 121 -1.43 37.41 3.66
N ASP A 122 -2.07 37.75 4.77
CA ASP A 122 -2.77 36.80 5.66
C ASP A 122 -4.13 36.60 5.01
N ARG A 123 -4.41 35.38 4.52
CA ARG A 123 -5.68 35.12 3.79
C ARG A 123 -6.47 34.01 4.52
N LEU A 124 -6.23 33.81 5.82
CA LEU A 124 -6.92 32.75 6.60
C LEU A 124 -8.42 32.88 6.41
N THR A 125 -8.99 34.05 6.74
CA THR A 125 -10.45 34.29 6.72
C THR A 125 -10.96 34.17 5.29
N GLN A 126 -10.25 34.77 4.34
CA GLN A 126 -10.67 34.78 2.93
C GLN A 126 -10.79 33.34 2.43
N SER A 127 -9.74 32.57 2.65
CA SER A 127 -9.65 31.19 2.09
C SER A 127 -10.64 30.27 2.82
N LEU A 128 -10.70 30.36 4.16
CA LEU A 128 -11.64 29.54 4.98
C LEU A 128 -13.08 29.83 4.56
N ASN A 129 -13.45 31.08 4.34
CA ASN A 129 -14.86 31.41 4.05
C ASN A 129 -15.22 30.80 2.70
N HIS A 130 -14.30 30.82 1.72
CA HIS A 130 -14.56 30.21 0.40
C HIS A 130 -14.68 28.68 0.54
N LEU A 131 -13.90 28.07 1.43
CA LEU A 131 -13.96 26.64 1.77
C LEU A 131 -15.38 26.36 2.29
N PHE A 132 -15.86 27.16 3.24
CA PHE A 132 -17.21 26.91 3.82
C PHE A 132 -18.26 27.08 2.74
N THR A 133 -18.18 28.15 1.92
CA THR A 133 -19.20 28.40 0.86
C THR A 133 -19.38 27.13 -0.01
N ALA A 134 -18.28 26.50 -0.38
CA ALA A 134 -18.26 25.33 -1.27
C ALA A 134 -18.71 24.09 -0.50
N MET A 135 -18.20 23.84 0.70
CA MET A 135 -18.32 22.52 1.35
C MET A 135 -19.61 22.44 2.19
N ASP A 136 -20.27 23.58 2.46
CA ASP A 136 -21.45 23.56 3.39
C ASP A 136 -22.55 22.64 2.88
N SER A 137 -22.75 22.53 1.57
CA SER A 137 -23.82 21.70 0.98
C SER A 137 -23.38 20.25 0.80
N THR A 138 -22.13 19.89 1.10
CA THR A 138 -21.68 18.48 1.03
C THR A 138 -21.92 17.81 2.39
N ASP A 139 -22.00 16.48 2.42
CA ASP A 139 -22.24 15.74 3.69
C ASP A 139 -20.98 14.96 4.10
N ALA A 140 -19.81 15.26 3.53
CA ALA A 140 -18.56 14.67 4.03
C ALA A 140 -18.08 15.34 5.32
N ASP A 141 -17.48 14.60 6.23
CA ASP A 141 -16.73 15.18 7.36
C ASP A 141 -15.50 15.89 6.78
N VAL A 142 -15.37 17.17 7.04
CA VAL A 142 -14.20 17.95 6.52
C VAL A 142 -13.21 18.11 7.67
N VAL A 143 -11.94 17.83 7.42
CA VAL A 143 -10.85 18.03 8.40
C VAL A 143 -9.80 18.94 7.74
N ILE A 144 -9.70 20.14 8.27
CA ILE A 144 -8.76 21.21 7.80
C ILE A 144 -7.42 20.98 8.47
N TYR A 145 -6.33 20.97 7.70
CA TYR A 145 -4.97 20.77 8.24
C TYR A 145 -4.21 22.10 8.13
N CYS A 146 -3.55 22.52 9.20
CA CYS A 146 -2.72 23.73 9.26
C CYS A 146 -1.42 23.39 10.01
N ARG A 147 -0.46 24.34 10.01
CA ARG A 147 0.87 24.19 10.66
C ARG A 147 0.99 25.12 11.89
N ASP A 148 0.47 26.34 11.78
CA ASP A 148 0.71 27.42 12.78
C ASP A 148 -0.26 27.28 13.95
N LYS A 149 0.23 27.36 15.19
CA LYS A 149 -0.60 27.17 16.41
C LYS A 149 -1.67 28.26 16.50
N GLU A 150 -1.37 29.49 16.11
CA GLU A 150 -2.35 30.61 16.20
C GLU A 150 -3.39 30.46 15.08
N TRP A 151 -2.98 29.99 13.88
CA TRP A 151 -3.98 29.61 12.85
C TRP A 151 -4.94 28.51 13.34
N GLU A 152 -4.47 27.48 14.03
CA GLU A 152 -5.33 26.40 14.59
C GLU A 152 -6.42 27.02 15.46
N LYS A 153 -6.01 27.91 16.38
CA LYS A 153 -6.91 28.63 17.31
C LYS A 153 -7.96 29.39 16.49
N LYS A 154 -7.54 30.20 15.52
CA LYS A 154 -8.44 31.05 14.68
C LYS A 154 -9.40 30.18 13.88
N ILE A 155 -8.90 29.12 13.22
CA ILE A 155 -9.78 28.20 12.43
C ILE A 155 -10.79 27.53 13.37
N SER A 156 -10.33 27.01 14.51
CA SER A 156 -11.23 26.38 15.49
C SER A 156 -12.32 27.35 15.92
N GLU A 157 -11.99 28.59 16.22
CA GLU A 157 -12.99 29.61 16.67
C GLU A 157 -14.01 29.85 15.54
N ALA A 158 -13.56 29.95 14.29
CA ALA A 158 -14.46 30.24 13.15
C ALA A 158 -15.45 29.08 12.99
N ILE A 159 -14.97 27.84 13.16
CA ILE A 159 -15.88 26.66 13.06
C ILE A 159 -16.91 26.73 14.20
N GLN A 160 -16.43 26.94 15.42
CA GLN A 160 -17.29 26.89 16.63
C GLN A 160 -18.36 27.98 16.57
N MET A 161 -18.03 29.14 15.98
CA MET A 161 -18.92 30.35 15.90
C MET A 161 -20.23 30.05 15.17
N ARG A 162 -20.23 29.05 14.29
CA ARG A 162 -21.38 28.71 13.41
C ARG A 162 -22.28 27.65 14.07
N THR A 163 -21.77 26.94 15.09
CA THR A 163 -22.38 25.73 15.74
C THR A 163 -23.32 26.14 16.87
N GLY B 1 -12.18 -5.81 31.92
CA GLY B 1 -10.95 -6.63 32.06
C GLY B 1 -10.91 -7.80 31.08
N ALA B 2 -9.71 -8.33 30.83
CA ALA B 2 -9.51 -9.57 30.04
C ALA B 2 -10.12 -10.72 30.84
N MET B 3 -10.63 -11.74 30.15
CA MET B 3 -11.34 -12.84 30.85
C MET B 3 -10.35 -13.57 31.76
N ALA B 4 -9.10 -13.70 31.32
CA ALA B 4 -8.01 -14.38 32.05
C ALA B 4 -6.78 -13.49 31.91
N PRO B 5 -6.69 -12.39 32.70
CA PRO B 5 -5.59 -11.45 32.52
C PRO B 5 -4.27 -12.18 32.36
N SER B 6 -3.54 -11.85 31.27
CA SER B 6 -2.23 -12.46 30.91
C SER B 6 -1.18 -11.39 30.58
N TYR B 7 0.07 -11.85 30.56
CA TYR B 7 1.24 -11.21 29.90
C TYR B 7 1.67 -12.07 28.70
N ARG B 8 2.03 -11.40 27.58
CA ARG B 8 2.66 -12.01 26.38
C ARG B 8 3.83 -11.14 25.96
N VAL B 9 4.81 -11.71 25.24
CA VAL B 9 5.91 -10.90 24.64
C VAL B 9 5.88 -11.12 23.12
N LYS B 10 5.92 -10.03 22.36
CA LYS B 10 6.05 -10.04 20.89
C LYS B 10 7.37 -9.38 20.49
N ARG B 11 8.23 -10.10 19.76
CA ARG B 11 9.42 -9.49 19.10
C ARG B 11 8.94 -8.88 17.79
N MET B 12 8.37 -7.68 17.87
CA MET B 12 7.96 -6.88 16.67
C MET B 12 7.80 -5.40 17.04
N ASP B 13 7.55 -4.56 16.04
CA ASP B 13 7.49 -3.08 16.17
C ASP B 13 6.20 -2.70 16.89
N ILE B 14 6.32 -2.05 18.05
CA ILE B 14 5.14 -1.69 18.91
C ILE B 14 4.15 -0.81 18.16
N ALA B 15 4.61 -0.05 17.16
CA ALA B 15 3.70 0.68 16.24
C ALA B 15 2.69 -0.25 15.51
N LYS B 16 3.01 -1.55 15.44
CA LYS B 16 2.22 -2.57 14.69
C LYS B 16 1.40 -3.45 15.66
N ASN B 17 1.17 -3.01 16.90
CA ASN B 17 0.42 -3.82 17.92
C ASN B 17 -1.09 -3.87 17.59
N ASP B 18 -1.73 -5.00 17.92
CA ASP B 18 -3.21 -5.19 17.82
C ASP B 18 -3.81 -5.22 19.24
N GLU B 19 -3.32 -4.36 20.14
CA GLU B 19 -3.91 -4.15 21.51
C GLU B 19 -4.71 -2.85 21.49
N GLU B 20 -5.49 -2.58 22.54
CA GLU B 20 -6.54 -1.51 22.60
C GLU B 20 -5.95 -0.13 22.93
N CYS B 21 -4.67 -0.08 23.33
CA CYS B 21 -3.99 1.22 23.58
C CYS B 21 -2.51 0.91 23.66
N VAL B 22 -1.67 1.95 23.53
CA VAL B 22 -0.19 1.83 23.50
C VAL B 22 0.44 2.77 24.54
N VAL B 23 1.52 2.28 25.10
CA VAL B 23 2.46 3.07 25.93
C VAL B 23 3.64 3.50 25.05
N ASN B 24 3.82 4.79 24.95
CA ASN B 24 4.99 5.43 24.30
C ASN B 24 6.12 5.58 25.34
N ALA B 25 7.33 5.19 24.99
CA ALA B 25 8.54 5.47 25.78
C ALA B 25 8.92 6.92 25.45
N ALA B 26 8.25 7.87 26.08
CA ALA B 26 8.26 9.31 25.72
C ALA B 26 9.51 10.03 26.26
N ASN B 27 9.81 11.19 25.70
CA ASN B 27 10.72 12.16 26.35
C ASN B 27 9.86 13.18 27.07
N PRO B 28 10.43 13.94 28.01
CA PRO B 28 9.64 14.91 28.78
C PRO B 28 9.02 16.07 28.00
N ARG B 29 9.53 16.36 26.81
CA ARG B 29 9.13 17.61 26.10
C ARG B 29 8.13 17.28 24.99
N GLY B 30 7.73 16.03 24.82
CA GLY B 30 6.80 15.68 23.73
C GLY B 30 7.44 15.81 22.35
N LEU B 31 8.75 15.56 22.21
CA LEU B 31 9.43 15.60 20.89
C LEU B 31 9.34 14.25 20.24
N PRO B 32 9.58 14.14 18.91
CA PRO B 32 9.59 12.85 18.22
C PRO B 32 10.60 11.80 18.69
N GLY B 33 11.78 12.25 19.11
CA GLY B 33 12.77 11.39 19.80
C GLY B 33 13.28 10.25 18.93
N ASP B 34 13.59 9.11 19.53
CA ASP B 34 14.26 7.97 18.87
C ASP B 34 13.48 6.70 19.19
N GLY B 35 13.89 5.61 18.54
CA GLY B 35 13.43 4.24 18.83
C GLY B 35 11.92 4.17 18.87
N VAL B 36 11.36 3.61 19.94
CA VAL B 36 9.88 3.45 20.13
C VAL B 36 9.18 4.79 19.93
N CYS B 37 9.72 5.86 20.49
CA CYS B 37 9.08 7.17 20.44
C CYS B 37 8.93 7.62 18.97
N LYS B 38 9.98 7.46 18.17
CA LYS B 38 9.97 7.89 16.76
C LYS B 38 8.91 7.03 16.02
N ALA B 39 8.91 5.71 16.26
CA ALA B 39 7.93 4.75 15.69
C ALA B 39 6.53 5.21 16.03
N VAL B 40 6.30 5.60 17.28
CA VAL B 40 4.98 6.07 17.77
C VAL B 40 4.64 7.40 17.15
N TYR B 41 5.61 8.29 16.96
CA TYR B 41 5.38 9.59 16.28
C TYR B 41 5.01 9.38 14.78
N LYS B 42 5.58 8.36 14.13
CA LYS B 42 5.33 8.03 12.70
C LYS B 42 3.93 7.43 12.54
N LYS B 43 3.46 6.64 13.52
CA LYS B 43 2.18 5.89 13.44
C LYS B 43 1.02 6.77 13.94
N TRP B 44 1.21 7.47 15.07
CA TRP B 44 0.14 8.25 15.73
C TRP B 44 0.55 9.69 16.02
N PRO B 45 0.96 10.47 15.00
CA PRO B 45 1.48 11.83 15.21
C PRO B 45 0.55 12.78 15.98
N GLU B 46 -0.75 12.54 15.85
CA GLU B 46 -1.81 13.35 16.49
C GLU B 46 -1.68 13.24 18.02
N SER B 47 -1.19 12.10 18.53
CA SER B 47 -1.05 11.85 20.00
C SER B 47 -0.04 12.81 20.64
N PHE B 48 0.83 13.47 19.86
CA PHE B 48 1.88 14.33 20.47
C PHE B 48 1.40 15.74 20.80
N LYS B 49 0.16 16.13 20.50
CA LYS B 49 -0.29 17.48 20.95
C LYS B 49 -0.35 17.55 22.47
N ASN B 50 0.35 18.54 23.05
CA ASN B 50 0.50 18.80 24.50
C ASN B 50 0.85 17.49 25.27
N SER B 51 1.74 16.66 24.75
CA SER B 51 2.14 15.38 25.40
C SER B 51 3.28 15.59 26.41
N ALA B 52 3.91 16.78 26.45
CA ALA B 52 5.03 17.04 27.41
C ALA B 52 4.54 16.76 28.85
N THR B 53 5.38 16.08 29.65
CA THR B 53 5.10 15.70 31.06
C THR B 53 6.42 15.35 31.74
N PRO B 54 6.54 15.54 33.06
CA PRO B 54 7.78 15.27 33.77
C PRO B 54 8.21 13.80 33.83
N VAL B 55 9.49 13.60 34.12
CA VAL B 55 10.02 12.23 34.34
C VAL B 55 9.25 11.60 35.49
N GLY B 56 8.98 10.30 35.36
CA GLY B 56 8.27 9.55 36.39
C GLY B 56 6.77 9.66 36.25
N THR B 57 6.25 10.28 35.21
CA THR B 57 4.78 10.45 35.01
C THR B 57 4.33 9.94 33.66
N ALA B 58 3.01 9.78 33.51
CA ALA B 58 2.40 9.33 32.27
C ALA B 58 1.25 10.27 31.93
N LYS B 59 1.15 10.66 30.66
CA LYS B 59 0.11 11.61 30.14
C LYS B 59 -0.53 10.98 28.90
N THR B 60 -1.86 10.78 28.93
CA THR B 60 -2.61 10.12 27.82
C THR B 60 -3.17 11.21 26.90
N VAL B 61 -2.95 11.03 25.62
CA VAL B 61 -3.56 11.87 24.54
C VAL B 61 -4.17 10.91 23.50
N MET B 62 -5.41 11.16 23.10
CA MET B 62 -6.15 10.29 22.15
C MET B 62 -5.67 10.54 20.71
N CYS B 63 -5.55 9.48 19.93
CA CYS B 63 -5.35 9.57 18.46
C CYS B 63 -6.65 9.02 17.85
N GLY B 64 -7.66 9.91 17.77
CA GLY B 64 -9.05 9.55 17.43
C GLY B 64 -9.71 8.86 18.60
N THR B 65 -9.90 7.54 18.49
CA THR B 65 -10.41 6.69 19.59
C THR B 65 -9.27 5.80 20.16
N TYR B 66 -8.00 5.98 19.78
CA TYR B 66 -6.88 5.11 20.24
C TYR B 66 -6.04 5.89 21.25
N PRO B 67 -6.04 5.45 22.55
CA PRO B 67 -5.32 6.15 23.61
C PRO B 67 -3.82 5.87 23.50
N VAL B 68 -3.03 6.93 23.49
CA VAL B 68 -1.53 6.83 23.55
C VAL B 68 -1.10 7.36 24.93
N ILE B 69 -0.52 6.47 25.73
CA ILE B 69 -0.09 6.82 27.11
C ILE B 69 1.42 7.15 27.04
N HIS B 70 1.75 8.41 27.12
CA HIS B 70 3.16 8.93 27.06
C HIS B 70 3.77 8.76 28.45
N ALA B 71 4.63 7.75 28.62
CA ALA B 71 5.28 7.42 29.91
C ALA B 71 6.75 7.85 29.86
N VAL B 72 7.15 8.72 30.77
CA VAL B 72 8.54 9.30 30.74
C VAL B 72 9.42 8.57 31.75
N GLY B 73 10.18 7.60 31.30
CA GLY B 73 11.23 7.00 32.12
C GLY B 73 12.46 7.91 32.23
N PRO B 74 13.27 7.69 33.27
CA PRO B 74 14.47 8.51 33.48
C PRO B 74 15.53 8.15 32.43
N ASN B 75 16.34 9.17 32.11
CA ASN B 75 17.59 8.95 31.34
C ASN B 75 18.72 8.65 32.35
N PHE B 76 19.17 7.43 32.42
CA PHE B 76 20.25 7.00 33.35
C PHE B 76 21.60 7.66 32.97
N SER B 77 21.71 8.39 31.85
CA SER B 77 22.90 9.26 31.64
C SER B 77 22.85 10.44 32.64
N ASN B 78 21.66 10.87 33.03
CA ASN B 78 21.47 12.10 33.87
C ASN B 78 21.20 11.73 35.33
N TYR B 79 20.49 10.63 35.58
CA TYR B 79 20.02 10.23 36.93
C TYR B 79 21.07 9.29 37.52
N THR B 80 21.20 9.28 38.83
CA THR B 80 21.97 8.24 39.55
C THR B 80 21.19 6.92 39.48
N GLU B 81 21.87 5.80 39.70
CA GLU B 81 21.17 4.50 39.74
C GLU B 81 20.04 4.58 40.76
N SER B 82 20.28 5.19 41.92
CA SER B 82 19.27 5.20 43.01
C SER B 82 18.07 6.04 42.58
N GLU B 83 18.29 7.25 42.09
CA GLU B 83 17.17 8.19 41.80
C GLU B 83 16.47 7.72 40.54
N GLY B 84 17.22 7.16 39.58
CA GLY B 84 16.67 6.58 38.34
C GLY B 84 15.72 5.44 38.65
N ASP B 85 16.12 4.57 39.56
CA ASP B 85 15.30 3.38 39.92
C ASP B 85 13.94 3.82 40.43
N ARG B 86 13.91 4.89 41.24
CA ARG B 86 12.66 5.43 41.84
C ARG B 86 11.77 5.99 40.71
N GLU B 87 12.34 6.79 39.81
CA GLU B 87 11.57 7.42 38.71
C GLU B 87 11.05 6.36 37.75
N LEU B 88 11.81 5.29 37.50
CA LEU B 88 11.38 4.23 36.57
C LEU B 88 10.19 3.46 37.14
N ALA B 89 10.23 3.11 38.42
CA ALA B 89 9.09 2.53 39.14
C ALA B 89 7.88 3.48 39.06
N ALA B 90 8.09 4.77 39.25
CA ALA B 90 7.01 5.78 39.30
C ALA B 90 6.32 5.84 37.93
N ALA B 91 7.10 5.85 36.84
CA ALA B 91 6.52 5.95 35.50
C ALA B 91 5.57 4.78 35.28
N TYR B 92 6.03 3.56 35.61
CA TYR B 92 5.16 2.37 35.44
C TYR B 92 3.92 2.47 36.35
N ARG B 93 4.02 2.95 37.58
CA ARG B 93 2.83 3.09 38.45
C ARG B 93 1.79 4.01 37.78
N GLU B 94 2.23 5.12 37.17
N GLU B 94 2.24 5.08 37.13
CA GLU B 94 1.31 6.06 36.47
CA GLU B 94 1.32 6.05 36.48
C GLU B 94 0.69 5.36 35.25
C GLU B 94 0.72 5.41 35.22
N VAL B 95 1.45 4.51 34.55
CA VAL B 95 0.91 3.73 33.42
C VAL B 95 -0.24 2.84 33.93
N ALA B 96 -0.07 2.12 35.04
CA ALA B 96 -1.13 1.25 35.61
C ALA B 96 -2.39 2.06 35.96
N LYS B 97 -2.23 3.25 36.53
CA LYS B 97 -3.36 4.13 36.84
C LYS B 97 -4.08 4.52 35.55
N GLU B 98 -3.36 4.90 34.50
CA GLU B 98 -3.99 5.34 33.24
C GLU B 98 -4.74 4.18 32.58
N VAL B 99 -4.11 3.02 32.47
CA VAL B 99 -4.70 1.80 31.87
C VAL B 99 -6.02 1.53 32.62
N THR B 100 -5.99 1.63 33.94
CA THR B 100 -7.20 1.36 34.77
C THR B 100 -8.24 2.43 34.47
N ARG B 101 -7.88 3.70 34.49
CA ARG B 101 -8.85 4.81 34.23
C ARG B 101 -9.49 4.63 32.84
N LEU B 102 -8.74 4.22 31.83
CA LEU B 102 -9.25 4.15 30.45
C LEU B 102 -10.25 2.97 30.28
N GLY B 103 -10.19 1.94 31.11
CA GLY B 103 -11.11 0.79 31.04
C GLY B 103 -10.76 -0.17 29.90
N VAL B 104 -9.56 -0.14 29.36
CA VAL B 104 -9.16 -1.05 28.26
C VAL B 104 -9.01 -2.49 28.78
N ASN B 105 -9.13 -3.45 27.87
CA ASN B 105 -8.93 -4.89 28.14
C ASN B 105 -7.55 -5.30 27.66
N SER B 106 -6.82 -4.43 26.94
CA SER B 106 -5.44 -4.75 26.53
C SER B 106 -4.60 -3.49 26.31
N VAL B 107 -3.28 -3.68 26.43
CA VAL B 107 -2.27 -2.60 26.33
C VAL B 107 -0.97 -3.20 25.81
N ALA B 108 -0.37 -2.48 24.85
CA ALA B 108 0.96 -2.71 24.29
C ALA B 108 1.94 -1.79 25.04
N ILE B 109 3.01 -2.36 25.54
N ILE B 109 2.99 -2.39 25.58
CA ILE B 109 3.95 -1.62 26.44
CA ILE B 109 3.97 -1.71 26.47
C ILE B 109 5.39 -2.01 26.11
C ILE B 109 5.38 -2.01 26.01
N PRO B 110 6.27 -0.99 25.89
CA PRO B 110 7.69 -1.22 25.72
C PRO B 110 8.38 -1.24 27.10
N LEU B 111 9.63 -1.74 27.15
CA LEU B 111 10.47 -1.69 28.37
C LEU B 111 11.11 -0.28 28.46
N LEU B 112 10.54 0.56 29.31
CA LEU B 112 10.98 1.93 29.56
C LEU B 112 12.45 1.94 29.98
N SER B 113 13.19 2.94 29.49
CA SER B 113 14.59 3.26 29.87
C SER B 113 15.56 2.14 29.45
N THR B 114 15.22 1.32 28.43
CA THR B 114 16.11 0.21 27.98
C THR B 114 16.90 0.59 26.72
N GLY B 115 16.54 1.70 26.06
CA GLY B 115 17.13 2.15 24.79
C GLY B 115 18.15 3.26 25.02
N VAL B 116 17.99 4.39 24.34
CA VAL B 116 18.92 5.53 24.49
C VAL B 116 18.89 6.16 25.91
N TYR B 117 17.92 5.80 26.76
CA TYR B 117 17.88 6.27 28.18
C TYR B 117 18.53 5.25 29.14
N SER B 118 19.11 4.13 28.63
CA SER B 118 19.72 3.05 29.46
C SER B 118 21.07 3.46 30.07
N GLY B 119 21.69 4.54 29.58
CA GLY B 119 23.06 4.93 29.98
C GLY B 119 24.05 3.83 29.62
N GLY B 120 23.78 3.08 28.56
CA GLY B 120 24.68 2.04 28.02
C GLY B 120 24.65 0.75 28.83
N LYS B 121 23.65 0.53 29.70
CA LYS B 121 23.55 -0.69 30.53
C LYS B 121 22.37 -1.55 30.06
N ASP B 122 22.49 -2.87 30.22
CA ASP B 122 21.39 -3.84 30.02
C ASP B 122 20.41 -3.70 31.20
N ARG B 123 19.19 -3.22 30.92
CA ARG B 123 18.19 -2.96 31.99
C ARG B 123 16.91 -3.78 31.78
N LEU B 124 16.99 -4.88 31.03
CA LEU B 124 15.81 -5.73 30.74
C LEU B 124 15.18 -6.17 32.06
N THR B 125 15.96 -6.80 32.95
CA THR B 125 15.46 -7.33 34.24
C THR B 125 14.86 -6.21 35.11
N GLN B 126 15.61 -5.15 35.32
CA GLN B 126 15.20 -3.96 36.06
C GLN B 126 13.86 -3.42 35.53
N SER B 127 13.75 -3.17 34.25
CA SER B 127 12.59 -2.46 33.66
C SER B 127 11.39 -3.41 33.68
N LEU B 128 11.64 -4.69 33.37
CA LEU B 128 10.56 -5.70 33.39
C LEU B 128 10.00 -5.86 34.81
N ASN B 129 10.88 -5.90 35.82
CA ASN B 129 10.50 -6.04 37.25
C ASN B 129 9.52 -4.90 37.59
N HIS B 130 9.90 -3.65 37.27
CA HIS B 130 9.05 -2.47 37.57
C HIS B 130 7.73 -2.54 36.80
N LEU B 131 7.75 -3.09 35.59
CA LEU B 131 6.55 -3.26 34.73
C LEU B 131 5.58 -4.20 35.48
N PHE B 132 6.06 -5.35 35.94
CA PHE B 132 5.21 -6.35 36.65
C PHE B 132 4.72 -5.78 37.99
N THR B 133 5.58 -5.11 38.76
CA THR B 133 5.17 -4.48 40.07
C THR B 133 3.93 -3.59 39.85
N ALA B 134 3.92 -2.81 38.78
CA ALA B 134 2.84 -1.85 38.47
C ALA B 134 1.63 -2.58 37.91
N MET B 135 1.85 -3.47 36.95
CA MET B 135 0.73 -3.95 36.11
C MET B 135 0.10 -5.22 36.72
N ASP B 136 0.74 -5.87 37.69
CA ASP B 136 0.24 -7.16 38.26
C ASP B 136 -1.19 -6.97 38.81
N SER B 137 -1.53 -5.82 39.38
CA SER B 137 -2.85 -5.60 40.02
C SER B 137 -3.89 -5.13 38.99
N THR B 138 -3.52 -4.89 37.72
CA THR B 138 -4.49 -4.48 36.67
C THR B 138 -5.04 -5.76 35.99
N ASP B 139 -6.20 -5.66 35.36
CA ASP B 139 -6.82 -6.86 34.72
C ASP B 139 -6.73 -6.75 33.21
N ALA B 140 -5.96 -5.81 32.68
CA ALA B 140 -5.84 -5.71 31.20
C ALA B 140 -4.88 -6.81 30.70
N ASP B 141 -5.08 -7.32 29.47
CA ASP B 141 -4.05 -8.17 28.85
C ASP B 141 -2.86 -7.26 28.51
N VAL B 142 -1.67 -7.62 28.96
CA VAL B 142 -0.43 -6.83 28.68
C VAL B 142 0.37 -7.58 27.63
N VAL B 143 0.73 -6.90 26.56
CA VAL B 143 1.66 -7.43 25.51
C VAL B 143 2.89 -6.52 25.45
N ILE B 144 4.01 -7.08 25.84
CA ILE B 144 5.32 -6.39 25.89
C ILE B 144 5.98 -6.52 24.52
N TYR B 145 6.47 -5.40 23.97
CA TYR B 145 7.12 -5.34 22.63
C TYR B 145 8.61 -5.09 22.79
N CYS B 146 9.43 -5.92 22.12
CA CYS B 146 10.92 -5.87 22.10
C CYS B 146 11.39 -6.05 20.63
N ARG B 147 12.69 -5.93 20.41
CA ARG B 147 13.34 -5.95 19.07
C ARG B 147 14.30 -7.13 18.95
N ASP B 148 15.06 -7.40 20.01
CA ASP B 148 16.17 -8.40 20.01
C ASP B 148 15.61 -9.78 20.39
N LYS B 149 15.98 -10.81 19.65
CA LYS B 149 15.45 -12.18 19.83
C LYS B 149 15.95 -12.76 21.16
N GLU B 150 17.13 -12.36 21.61
CA GLU B 150 17.67 -12.78 22.92
C GLU B 150 16.80 -12.16 24.03
N TRP B 151 16.21 -10.98 23.76
CA TRP B 151 15.36 -10.25 24.75
C TRP B 151 13.99 -10.92 24.79
N GLU B 152 13.37 -11.23 23.64
CA GLU B 152 12.12 -12.06 23.56
C GLU B 152 12.29 -13.32 24.41
N LYS B 153 13.38 -14.05 24.20
CA LYS B 153 13.69 -15.31 24.92
C LYS B 153 13.64 -15.04 26.42
N LYS B 154 14.34 -14.01 26.91
CA LYS B 154 14.56 -13.77 28.36
C LYS B 154 13.28 -13.26 29.03
N ILE B 155 12.51 -12.46 28.30
CA ILE B 155 11.22 -11.89 28.77
C ILE B 155 10.24 -13.07 28.90
N SER B 156 10.19 -13.90 27.88
CA SER B 156 9.32 -15.10 27.81
C SER B 156 9.61 -16.01 29.01
N GLU B 157 10.88 -16.26 29.31
CA GLU B 157 11.30 -17.13 30.44
C GLU B 157 10.83 -16.47 31.74
N ALA B 158 10.90 -15.13 31.82
CA ALA B 158 10.53 -14.39 33.05
C ALA B 158 9.02 -14.51 33.28
N ILE B 159 8.20 -14.39 32.23
CA ILE B 159 6.72 -14.52 32.28
C ILE B 159 6.36 -15.94 32.71
N GLN B 160 6.92 -16.94 32.02
CA GLN B 160 6.52 -18.37 32.19
C GLN B 160 6.91 -18.86 33.59
N MET B 161 8.04 -18.40 34.12
CA MET B 161 8.58 -18.80 35.45
C MET B 161 7.54 -18.52 36.54
N ARG B 162 6.64 -17.56 36.31
CA ARG B 162 5.67 -17.10 37.35
C ARG B 162 4.32 -17.82 37.24
N THR B 163 4.09 -18.54 36.13
CA THR B 163 2.79 -19.19 35.79
C THR B 163 2.77 -20.65 36.23
N GLY C 1 2.55 -23.00 -15.78
CA GLY C 1 1.37 -22.07 -15.82
C GLY C 1 0.11 -22.80 -16.24
N ALA C 2 -1.08 -22.26 -15.91
CA ALA C 2 -2.34 -22.80 -16.45
C ALA C 2 -2.34 -22.52 -17.95
N MET C 3 -2.93 -23.41 -18.76
CA MET C 3 -2.96 -23.28 -20.24
C MET C 3 -3.74 -22.03 -20.67
N ALA C 4 -4.77 -21.64 -19.91
CA ALA C 4 -5.58 -20.44 -20.17
C ALA C 4 -5.87 -19.81 -18.83
N PRO C 5 -4.90 -19.08 -18.23
CA PRO C 5 -5.06 -18.51 -16.88
C PRO C 5 -6.40 -17.79 -16.69
N SER C 6 -7.11 -18.12 -15.63
CA SER C 6 -8.50 -17.67 -15.36
C SER C 6 -8.68 -17.19 -13.92
N TYR C 7 -9.79 -16.49 -13.68
CA TYR C 7 -10.26 -16.12 -12.34
C TYR C 7 -11.61 -16.81 -12.13
N ARG C 8 -11.84 -17.43 -10.98
CA ARG C 8 -13.15 -18.03 -10.60
C ARG C 8 -13.47 -17.61 -9.17
N VAL C 9 -14.74 -17.65 -8.79
CA VAL C 9 -15.14 -17.44 -7.38
C VAL C 9 -15.98 -18.62 -6.96
N LYS C 10 -15.75 -19.07 -5.72
CA LYS C 10 -16.49 -20.16 -5.06
C LYS C 10 -16.95 -19.68 -3.69
N ARG C 11 -18.22 -19.92 -3.38
CA ARG C 11 -18.81 -19.68 -2.04
C ARG C 11 -18.67 -21.01 -1.30
N MET C 12 -17.57 -21.17 -0.56
CA MET C 12 -17.11 -22.48 -0.03
C MET C 12 -15.98 -22.25 0.99
N ASP C 13 -15.81 -23.17 1.93
CA ASP C 13 -14.73 -23.13 2.95
C ASP C 13 -13.39 -23.32 2.22
N ILE C 14 -12.49 -22.34 2.37
CA ILE C 14 -11.20 -22.33 1.64
C ILE C 14 -10.36 -23.51 2.16
N ALA C 15 -10.63 -24.00 3.37
CA ALA C 15 -9.88 -25.15 3.90
C ALA C 15 -10.17 -26.44 3.11
N LYS C 16 -11.19 -26.43 2.24
N LYS C 16 -11.20 -26.46 2.26
CA LYS C 16 -11.60 -27.57 1.39
CA LYS C 16 -11.54 -27.62 1.40
C LYS C 16 -11.36 -27.25 -0.09
C LYS C 16 -11.37 -27.23 -0.08
N ASN C 17 -10.43 -26.34 -0.39
CA ASN C 17 -10.16 -25.93 -1.77
C ASN C 17 -9.64 -27.09 -2.63
N ASP C 18 -9.69 -26.90 -3.93
CA ASP C 18 -9.25 -27.85 -4.99
C ASP C 18 -8.03 -27.30 -5.74
N GLU C 19 -7.25 -26.38 -5.14
CA GLU C 19 -6.07 -25.80 -5.82
C GLU C 19 -4.76 -26.34 -5.27
N GLU C 20 -3.66 -25.97 -5.93
CA GLU C 20 -2.29 -26.49 -5.61
C GLU C 20 -1.64 -25.79 -4.41
N CYS C 21 -2.22 -24.69 -3.96
CA CYS C 21 -1.77 -24.00 -2.73
C CYS C 21 -2.89 -23.07 -2.24
N VAL C 22 -2.74 -22.59 -1.02
CA VAL C 22 -3.78 -21.76 -0.36
C VAL C 22 -3.13 -20.48 0.17
N VAL C 23 -3.86 -19.38 0.10
CA VAL C 23 -3.45 -18.13 0.79
C VAL C 23 -4.25 -18.05 2.07
N ASN C 24 -3.55 -17.99 3.20
CA ASN C 24 -4.16 -17.74 4.52
C ASN C 24 -4.29 -16.22 4.75
N ALA C 25 -5.41 -15.75 5.27
CA ALA C 25 -5.54 -14.34 5.74
C ALA C 25 -4.99 -14.30 7.16
N ALA C 26 -3.69 -14.21 7.23
CA ALA C 26 -2.86 -14.42 8.42
C ALA C 26 -2.82 -13.14 9.28
N ASN C 27 -2.33 -13.30 10.50
CA ASN C 27 -2.11 -12.22 11.48
C ASN C 27 -0.60 -12.17 11.63
N PRO C 28 -0.04 -11.02 12.01
CA PRO C 28 1.41 -10.85 12.05
C PRO C 28 2.10 -11.83 13.02
N ARG C 29 1.39 -12.33 14.02
CA ARG C 29 2.01 -13.19 15.08
C ARG C 29 2.10 -14.66 14.66
N GLY C 30 1.34 -15.12 13.65
CA GLY C 30 1.36 -16.55 13.30
C GLY C 30 0.44 -17.35 14.19
N LEU C 31 -0.59 -16.69 14.73
CA LEU C 31 -1.61 -17.25 15.66
C LEU C 31 -2.78 -17.85 14.89
N PRO C 32 -3.43 -18.90 15.47
CA PRO C 32 -4.59 -19.52 14.83
C PRO C 32 -5.68 -18.53 14.41
N GLY C 33 -5.84 -17.41 15.13
CA GLY C 33 -6.82 -16.36 14.79
C GLY C 33 -8.26 -16.86 14.76
N ASP C 34 -9.07 -16.26 13.88
CA ASP C 34 -10.53 -16.51 13.68
C ASP C 34 -10.81 -16.46 12.17
N GLY C 35 -12.04 -16.81 11.77
CA GLY C 35 -12.45 -16.88 10.36
C GLY C 35 -11.51 -17.75 9.54
N VAL C 36 -11.19 -17.31 8.30
CA VAL C 36 -10.31 -18.05 7.34
C VAL C 36 -9.09 -18.61 8.08
N CYS C 37 -8.42 -17.78 8.90
CA CYS C 37 -7.15 -18.13 9.58
C CYS C 37 -7.35 -19.36 10.49
N LYS C 38 -8.49 -19.44 11.20
CA LYS C 38 -8.80 -20.57 12.12
C LYS C 38 -9.08 -21.85 11.32
N ALA C 39 -9.91 -21.76 10.28
CA ALA C 39 -10.18 -22.86 9.32
C ALA C 39 -8.85 -23.41 8.78
N VAL C 40 -7.97 -22.50 8.37
CA VAL C 40 -6.63 -22.85 7.82
C VAL C 40 -5.79 -23.52 8.91
N TYR C 41 -5.83 -23.04 10.15
CA TYR C 41 -5.06 -23.62 11.28
C TYR C 41 -5.53 -25.05 11.53
N LYS C 42 -6.84 -25.28 11.46
CA LYS C 42 -7.42 -26.61 11.77
C LYS C 42 -7.02 -27.60 10.66
N LYS C 43 -6.90 -27.13 9.41
CA LYS C 43 -6.55 -28.01 8.25
C LYS C 43 -5.04 -28.21 8.12
N TRP C 44 -4.25 -27.15 8.31
CA TRP C 44 -2.79 -27.20 8.05
C TRP C 44 -1.99 -26.64 9.23
N PRO C 45 -2.15 -27.20 10.46
CA PRO C 45 -1.49 -26.65 11.64
C PRO C 45 0.04 -26.61 11.52
N GLU C 46 0.63 -27.61 10.85
CA GLU C 46 2.09 -27.69 10.62
C GLU C 46 2.64 -26.46 9.88
N SER C 47 1.81 -25.81 9.06
CA SER C 47 2.18 -24.60 8.29
C SER C 47 2.35 -23.38 9.21
N PHE C 48 1.91 -23.46 10.47
CA PHE C 48 1.99 -22.31 11.43
C PHE C 48 3.34 -22.29 12.17
N LYS C 49 4.24 -23.24 11.88
CA LYS C 49 5.64 -23.24 12.39
C LYS C 49 6.41 -22.04 11.82
N ASN C 50 6.67 -21.03 12.64
CA ASN C 50 7.48 -19.84 12.24
C ASN C 50 6.79 -19.13 11.06
N SER C 51 5.47 -19.06 11.09
CA SER C 51 4.67 -18.38 10.03
C SER C 51 4.60 -16.88 10.30
N ALA C 52 5.03 -16.39 11.47
CA ALA C 52 4.97 -14.94 11.80
C ALA C 52 5.63 -14.16 10.66
N THR C 53 4.98 -13.09 10.21
CA THR C 53 5.45 -12.18 9.14
C THR C 53 4.69 -10.85 9.29
N PRO C 54 5.34 -9.72 8.98
CA PRO C 54 4.74 -8.39 9.14
C PRO C 54 3.55 -8.08 8.23
N VAL C 55 2.68 -7.19 8.70
CA VAL C 55 1.69 -6.48 7.81
C VAL C 55 2.37 -6.08 6.49
N GLY C 56 1.70 -6.39 5.37
CA GLY C 56 2.13 -6.04 4.01
C GLY C 56 3.05 -7.05 3.34
N THR C 57 3.24 -8.22 3.98
CA THR C 57 4.16 -9.29 3.53
C THR C 57 3.41 -10.63 3.43
N ALA C 58 4.08 -11.61 2.82
CA ALA C 58 3.56 -12.98 2.70
C ALA C 58 4.75 -13.90 2.98
N LYS C 59 4.48 -14.99 3.71
CA LYS C 59 5.49 -16.02 4.05
C LYS C 59 4.87 -17.40 3.83
N THR C 60 5.51 -18.21 2.98
CA THR C 60 5.04 -19.59 2.66
C THR C 60 5.68 -20.58 3.63
N VAL C 61 4.85 -21.44 4.22
CA VAL C 61 5.30 -22.61 5.01
C VAL C 61 4.55 -23.84 4.48
N MET C 62 5.29 -24.93 4.23
N MET C 62 5.28 -24.94 4.27
CA MET C 62 4.71 -26.19 3.72
CA MET C 62 4.71 -26.19 3.71
C MET C 62 4.06 -26.97 4.87
C MET C 62 4.09 -27.02 4.83
N CYS C 63 2.89 -27.58 4.59
CA CYS C 63 2.25 -28.61 5.43
C CYS C 63 2.36 -29.92 4.61
N GLY C 64 3.37 -30.75 4.91
CA GLY C 64 3.82 -31.80 3.98
C GLY C 64 4.51 -31.20 2.75
N THR C 65 3.93 -31.33 1.56
CA THR C 65 4.38 -30.63 0.34
C THR C 65 3.35 -29.56 -0.10
N TYR C 66 2.29 -29.35 0.67
CA TYR C 66 1.16 -28.43 0.33
C TYR C 66 1.50 -27.02 0.83
N PRO C 67 1.75 -26.04 -0.08
CA PRO C 67 2.19 -24.71 0.35
C PRO C 67 1.03 -23.90 0.94
N VAL C 68 1.28 -23.31 2.11
CA VAL C 68 0.36 -22.33 2.74
C VAL C 68 1.04 -20.96 2.73
N ILE C 69 0.47 -20.00 2.00
CA ILE C 69 1.03 -18.63 1.82
C ILE C 69 0.36 -17.75 2.85
N HIS C 70 1.05 -17.44 3.97
CA HIS C 70 0.48 -16.58 5.04
C HIS C 70 0.62 -15.12 4.61
N ALA C 71 -0.48 -14.49 4.25
CA ALA C 71 -0.51 -13.12 3.70
C ALA C 71 -1.15 -12.24 4.74
N VAL C 72 -0.43 -11.19 5.16
CA VAL C 72 -0.89 -10.35 6.28
C VAL C 72 -1.36 -9.00 5.73
N GLY C 73 -2.67 -8.85 5.60
CA GLY C 73 -3.30 -7.56 5.24
C GLY C 73 -3.29 -6.63 6.45
N PRO C 74 -3.42 -5.31 6.22
CA PRO C 74 -3.61 -4.40 7.36
C PRO C 74 -4.96 -4.61 8.04
N ASN C 75 -4.97 -4.38 9.35
CA ASN C 75 -6.23 -4.22 10.09
C ASN C 75 -6.64 -2.74 10.04
N PHE C 76 -7.74 -2.43 9.38
CA PHE C 76 -8.17 -1.02 9.17
C PHE C 76 -8.71 -0.36 10.45
N SER C 77 -8.91 -1.12 11.53
CA SER C 77 -9.25 -0.53 12.85
C SER C 77 -8.04 0.22 13.42
N ASN C 78 -6.84 -0.07 12.90
CA ASN C 78 -5.56 0.43 13.43
C ASN C 78 -4.73 1.08 12.33
N TYR C 79 -5.29 1.28 11.13
CA TYR C 79 -4.55 1.96 10.02
C TYR C 79 -5.45 3.04 9.45
N THR C 80 -4.84 4.14 8.99
CA THR C 80 -5.56 5.19 8.21
C THR C 80 -5.94 4.61 6.85
N GLU C 81 -6.90 5.22 6.17
CA GLU C 81 -7.28 4.81 4.80
C GLU C 81 -6.05 4.85 3.90
N SER C 82 -5.25 5.88 4.03
CA SER C 82 -4.08 6.10 3.15
C SER C 82 -3.04 5.01 3.38
N GLU C 83 -2.63 4.80 4.63
CA GLU C 83 -1.51 3.88 4.94
C GLU C 83 -2.01 2.44 4.76
N GLY C 84 -3.26 2.15 5.09
CA GLY C 84 -3.80 0.80 4.92
C GLY C 84 -3.88 0.43 3.44
N ASP C 85 -4.28 1.38 2.59
CA ASP C 85 -4.40 1.10 1.14
C ASP C 85 -3.05 0.65 0.60
N ARG C 86 -1.96 1.25 1.05
CA ARG C 86 -0.62 0.85 0.60
C ARG C 86 -0.25 -0.54 1.11
N GLU C 87 -0.55 -0.85 2.37
CA GLU C 87 -0.17 -2.15 2.96
C GLU C 87 -1.02 -3.26 2.30
N LEU C 88 -2.27 -2.97 1.91
CA LEU C 88 -3.15 -4.01 1.31
C LEU C 88 -2.59 -4.32 -0.09
N ALA C 89 -2.25 -3.29 -0.86
CA ALA C 89 -1.64 -3.48 -2.21
C ALA C 89 -0.40 -4.35 -2.05
N ALA C 90 0.46 -4.04 -1.05
CA ALA C 90 1.76 -4.70 -0.84
C ALA C 90 1.55 -6.19 -0.49
N ALA C 91 0.59 -6.51 0.38
CA ALA C 91 0.32 -7.90 0.81
C ALA C 91 0.02 -8.72 -0.46
N TYR C 92 -0.83 -8.18 -1.35
CA TYR C 92 -1.17 -8.91 -2.58
C TYR C 92 0.03 -9.05 -3.52
N ARG C 93 0.87 -8.03 -3.62
N ARG C 93 0.87 -8.03 -3.61
CA ARG C 93 2.08 -8.12 -4.47
CA ARG C 93 2.09 -8.11 -4.46
C ARG C 93 2.96 -9.27 -3.94
C ARG C 93 2.98 -9.26 -3.94
N GLU C 94 3.08 -9.42 -2.61
CA GLU C 94 3.91 -10.49 -2.02
C GLU C 94 3.24 -11.85 -2.28
N VAL C 95 1.90 -11.93 -2.29
CA VAL C 95 1.21 -13.21 -2.69
C VAL C 95 1.63 -13.56 -4.12
N ALA C 96 1.57 -12.61 -5.06
CA ALA C 96 1.91 -12.87 -6.47
C ALA C 96 3.33 -13.39 -6.60
N LYS C 97 4.27 -12.80 -5.87
CA LYS C 97 5.68 -13.28 -5.88
C LYS C 97 5.75 -14.73 -5.37
N GLU C 98 5.07 -15.04 -4.27
CA GLU C 98 5.14 -16.38 -3.62
C GLU C 98 4.56 -17.44 -4.57
N VAL C 99 3.40 -17.15 -5.15
CA VAL C 99 2.73 -18.05 -6.13
C VAL C 99 3.70 -18.31 -7.29
N THR C 100 4.35 -17.25 -7.80
CA THR C 100 5.30 -17.35 -8.93
C THR C 100 6.49 -18.26 -8.51
N ARG C 101 7.05 -17.99 -7.33
CA ARG C 101 8.23 -18.72 -6.80
C ARG C 101 7.91 -20.21 -6.72
N LEU C 102 6.71 -20.56 -6.25
CA LEU C 102 6.31 -21.98 -6.04
C LEU C 102 6.08 -22.72 -7.36
N GLY C 103 5.80 -22.03 -8.46
CA GLY C 103 5.64 -22.71 -9.76
C GLY C 103 4.29 -23.44 -9.86
N VAL C 104 3.39 -23.16 -8.93
CA VAL C 104 2.00 -23.73 -8.92
C VAL C 104 1.20 -23.28 -10.16
N ASN C 105 0.24 -24.13 -10.59
CA ASN C 105 -0.70 -23.82 -11.69
C ASN C 105 -2.01 -23.24 -11.15
N SER C 106 -2.23 -23.23 -9.83
CA SER C 106 -3.49 -22.75 -9.24
C SER C 106 -3.28 -22.38 -7.79
N VAL C 107 -4.10 -21.46 -7.32
CA VAL C 107 -4.08 -20.90 -5.95
C VAL C 107 -5.50 -20.53 -5.51
N ALA C 108 -5.83 -20.86 -4.26
CA ALA C 108 -7.05 -20.50 -3.53
C ALA C 108 -6.71 -19.27 -2.70
N ILE C 109 -7.48 -18.19 -2.87
N ILE C 109 -7.52 -18.22 -2.79
CA ILE C 109 -7.25 -16.87 -2.21
CA ILE C 109 -7.19 -16.91 -2.15
C ILE C 109 -8.54 -16.41 -1.56
C ILE C 109 -8.48 -16.30 -1.61
N PRO C 110 -8.46 -15.82 -0.35
CA PRO C 110 -9.58 -15.05 0.21
C PRO C 110 -9.36 -13.56 -0.05
N LEU C 111 -10.38 -12.75 0.15
CA LEU C 111 -10.20 -11.26 0.06
C LEU C 111 -9.62 -10.74 1.39
N LEU C 112 -8.39 -10.28 1.33
CA LEU C 112 -7.65 -9.76 2.49
C LEU C 112 -8.30 -8.47 3.00
N SER C 113 -8.29 -8.30 4.32
CA SER C 113 -8.73 -7.08 5.01
C SER C 113 -10.23 -6.87 4.85
N THR C 114 -11.07 -7.91 4.68
CA THR C 114 -12.51 -7.70 4.47
C THR C 114 -13.34 -8.17 5.67
N GLY C 115 -12.73 -8.79 6.66
CA GLY C 115 -13.53 -9.33 7.77
C GLY C 115 -13.37 -8.45 8.98
N VAL C 116 -12.86 -9.04 10.05
CA VAL C 116 -12.60 -8.31 11.32
C VAL C 116 -11.50 -7.26 11.05
N TYR C 117 -10.72 -7.40 9.96
CA TYR C 117 -9.65 -6.45 9.57
C TYR C 117 -10.23 -5.29 8.73
N SER C 118 -11.53 -5.29 8.46
CA SER C 118 -12.19 -4.25 7.61
C SER C 118 -12.39 -2.90 8.33
N GLY C 119 -12.24 -2.83 9.67
CA GLY C 119 -12.58 -1.62 10.42
C GLY C 119 -14.05 -1.27 10.25
N GLY C 120 -14.90 -2.28 10.07
CA GLY C 120 -16.36 -2.15 9.89
C GLY C 120 -16.79 -1.47 8.60
N LYS C 121 -15.97 -1.50 7.53
CA LYS C 121 -16.32 -0.89 6.22
C LYS C 121 -16.39 -2.00 5.17
N ASP C 122 -17.25 -1.84 4.17
CA ASP C 122 -17.34 -2.76 3.01
C ASP C 122 -16.10 -2.53 2.14
N ARG C 123 -15.22 -3.53 2.07
CA ARG C 123 -13.96 -3.43 1.29
C ARG C 123 -13.92 -4.45 0.15
N LEU C 124 -15.05 -4.99 -0.33
CA LEU C 124 -15.03 -5.96 -1.46
C LEU C 124 -14.28 -5.38 -2.66
N THR C 125 -14.69 -4.20 -3.17
CA THR C 125 -14.15 -3.59 -4.41
C THR C 125 -12.68 -3.24 -4.18
N GLN C 126 -12.35 -2.64 -3.05
CA GLN C 126 -10.95 -2.25 -2.75
C GLN C 126 -10.05 -3.49 -2.77
N SER C 127 -10.43 -4.50 -2.00
CA SER C 127 -9.59 -5.72 -1.83
C SER C 127 -9.47 -6.43 -3.18
N LEU C 128 -10.58 -6.59 -3.89
CA LEU C 128 -10.58 -7.31 -5.19
C LEU C 128 -9.74 -6.54 -6.20
N ASN C 129 -9.81 -5.19 -6.19
CA ASN C 129 -8.98 -4.37 -7.11
C ASN C 129 -7.50 -4.63 -6.84
N HIS C 130 -7.08 -4.67 -5.58
CA HIS C 130 -5.65 -4.93 -5.27
C HIS C 130 -5.28 -6.38 -5.68
N LEU C 131 -6.19 -7.32 -5.50
CA LEU C 131 -5.99 -8.73 -5.91
C LEU C 131 -5.67 -8.79 -7.40
N PHE C 132 -6.51 -8.19 -8.25
CA PHE C 132 -6.32 -8.18 -9.72
C PHE C 132 -5.04 -7.47 -10.07
N THR C 133 -4.75 -6.30 -9.47
CA THR C 133 -3.54 -5.52 -9.80
C THR C 133 -2.29 -6.43 -9.63
N ALA C 134 -2.26 -7.23 -8.55
CA ALA C 134 -1.12 -8.14 -8.21
C ALA C 134 -1.16 -9.40 -9.07
N MET C 135 -2.34 -10.00 -9.27
CA MET C 135 -2.40 -11.37 -9.86
C MET C 135 -2.55 -11.36 -11.37
N ASP C 136 -2.87 -10.23 -11.99
CA ASP C 136 -3.11 -10.20 -13.45
C ASP C 136 -1.89 -10.67 -14.25
N SER C 137 -0.67 -10.39 -13.77
CA SER C 137 0.60 -10.70 -14.46
C SER C 137 1.07 -12.13 -14.16
N THR C 138 0.36 -12.89 -13.31
CA THR C 138 0.64 -14.32 -13.03
C THR C 138 -0.15 -15.22 -13.98
N ASP C 139 0.33 -16.45 -14.21
CA ASP C 139 -0.31 -17.44 -15.10
C ASP C 139 -0.99 -18.58 -14.34
N ALA C 140 -1.20 -18.43 -13.02
CA ALA C 140 -1.90 -19.41 -12.16
C ALA C 140 -3.40 -19.22 -12.28
N ASP C 141 -4.17 -20.31 -12.33
CA ASP C 141 -5.63 -20.23 -12.18
C ASP C 141 -5.88 -19.71 -10.76
N VAL C 142 -6.60 -18.62 -10.61
CA VAL C 142 -6.89 -18.04 -9.28
C VAL C 142 -8.35 -18.33 -8.96
N VAL C 143 -8.58 -18.87 -7.78
CA VAL C 143 -9.93 -19.22 -7.28
C VAL C 143 -10.14 -18.45 -5.98
N ILE C 144 -11.10 -17.54 -6.01
CA ILE C 144 -11.39 -16.66 -4.84
C ILE C 144 -12.46 -17.31 -4.00
N TYR C 145 -12.24 -17.46 -2.69
CA TYR C 145 -13.24 -18.12 -1.81
C TYR C 145 -13.95 -17.06 -0.98
N CYS C 146 -15.27 -17.11 -0.94
CA CYS C 146 -16.08 -16.22 -0.08
C CYS C 146 -17.16 -17.04 0.63
N ARG C 147 -17.87 -16.40 1.56
CA ARG C 147 -18.95 -17.01 2.36
C ARG C 147 -20.29 -16.37 1.98
N ASP C 148 -20.34 -15.06 1.86
CA ASP C 148 -21.61 -14.31 1.65
C ASP C 148 -22.10 -14.51 0.22
N LYS C 149 -23.40 -14.78 0.04
CA LYS C 149 -24.02 -14.94 -1.31
C LYS C 149 -24.08 -13.64 -2.13
N GLU C 150 -24.26 -12.47 -1.51
CA GLU C 150 -24.23 -11.18 -2.27
C GLU C 150 -22.78 -10.91 -2.72
N TRP C 151 -21.79 -11.23 -1.89
CA TRP C 151 -20.34 -11.07 -2.27
C TRP C 151 -20.00 -12.01 -3.45
N GLU C 152 -20.52 -13.23 -3.45
CA GLU C 152 -20.27 -14.18 -4.56
C GLU C 152 -20.73 -13.54 -5.87
N LYS C 153 -21.94 -13.02 -5.90
CA LYS C 153 -22.51 -12.37 -7.10
C LYS C 153 -21.65 -11.18 -7.55
N LYS C 154 -21.32 -10.27 -6.66
CA LYS C 154 -20.50 -9.06 -6.97
C LYS C 154 -19.11 -9.44 -7.48
N ILE C 155 -18.43 -10.39 -6.83
CA ILE C 155 -17.10 -10.86 -7.32
C ILE C 155 -17.27 -11.50 -8.69
N SER C 156 -18.28 -12.34 -8.87
CA SER C 156 -18.50 -13.03 -10.17
C SER C 156 -18.71 -11.97 -11.26
N GLU C 157 -19.47 -10.92 -10.99
CA GLU C 157 -19.77 -9.85 -12.00
C GLU C 157 -18.48 -9.10 -12.36
N ALA C 158 -17.70 -8.73 -11.35
CA ALA C 158 -16.40 -8.04 -11.52
C ALA C 158 -15.45 -8.85 -12.40
N ILE C 159 -15.42 -10.17 -12.24
CA ILE C 159 -14.59 -11.09 -13.08
C ILE C 159 -15.14 -11.06 -14.51
N GLN C 160 -16.45 -11.22 -14.66
CA GLN C 160 -17.06 -11.36 -16.02
C GLN C 160 -16.91 -10.01 -16.75
N MET C 161 -17.01 -8.89 -16.04
CA MET C 161 -16.88 -7.52 -16.63
C MET C 161 -15.71 -7.54 -17.61
N ARG C 162 -14.54 -7.98 -17.13
CA ARG C 162 -13.23 -7.76 -17.81
C ARG C 162 -12.99 -8.79 -18.91
N THR C 163 -13.75 -9.90 -18.93
CA THR C 163 -13.69 -10.93 -20.00
C THR C 163 -14.58 -10.45 -21.16
N PRO D 5 17.97 -13.42 -41.27
CA PRO D 5 17.08 -12.31 -40.91
C PRO D 5 17.80 -10.96 -40.84
N SER D 6 17.07 -9.89 -41.18
N SER D 6 17.13 -9.90 -41.29
CA SER D 6 17.54 -8.48 -41.20
CA SER D 6 17.59 -8.49 -41.17
C SER D 6 16.81 -7.70 -40.10
C SER D 6 16.89 -7.86 -39.96
N TYR D 7 17.53 -6.86 -39.35
CA TYR D 7 16.97 -6.13 -38.18
C TYR D 7 17.00 -4.65 -38.45
N ARG D 8 15.89 -3.98 -38.12
CA ARG D 8 15.73 -2.52 -38.17
C ARG D 8 15.02 -2.09 -36.90
N VAL D 9 15.03 -0.80 -36.61
CA VAL D 9 14.30 -0.22 -35.46
C VAL D 9 13.52 0.99 -35.94
N LYS D 10 12.28 1.16 -35.46
CA LYS D 10 11.44 2.34 -35.69
C LYS D 10 10.98 2.91 -34.34
N ARG D 11 11.07 4.24 -34.20
CA ARG D 11 10.48 4.95 -33.06
C ARG D 11 9.06 5.30 -33.49
N MET D 12 8.12 4.38 -33.29
CA MET D 12 6.71 4.63 -33.66
C MET D 12 5.81 3.60 -32.97
N ASP D 13 4.51 3.88 -32.98
CA ASP D 13 3.48 2.99 -32.36
C ASP D 13 3.44 1.68 -33.20
N ILE D 14 3.69 0.54 -32.56
CA ILE D 14 3.66 -0.80 -33.20
C ILE D 14 2.26 -1.10 -33.78
N ALA D 15 1.24 -0.41 -33.28
CA ALA D 15 -0.14 -0.55 -33.80
C ALA D 15 -0.22 0.02 -35.22
N LYS D 16 0.79 0.79 -35.64
CA LYS D 16 0.82 1.35 -37.01
C LYS D 16 1.96 0.75 -37.82
N ASN D 17 2.39 -0.48 -37.52
CA ASN D 17 3.53 -1.11 -38.20
C ASN D 17 3.27 -1.35 -39.70
N ASP D 18 4.35 -1.59 -40.44
CA ASP D 18 4.33 -1.84 -41.89
C ASP D 18 4.77 -3.28 -42.16
N GLU D 19 4.63 -4.22 -41.21
CA GLU D 19 5.04 -5.63 -41.45
C GLU D 19 3.83 -6.59 -41.57
N GLU D 20 4.10 -7.82 -41.92
CA GLU D 20 3.05 -8.84 -42.22
C GLU D 20 2.39 -9.40 -40.97
N CYS D 21 2.94 -9.16 -39.79
CA CYS D 21 2.36 -9.64 -38.51
C CYS D 21 2.97 -8.84 -37.38
N VAL D 22 2.37 -8.96 -36.22
CA VAL D 22 2.76 -8.16 -35.03
C VAL D 22 2.88 -9.12 -33.85
N VAL D 23 3.87 -8.84 -33.00
CA VAL D 23 4.03 -9.45 -31.66
C VAL D 23 3.49 -8.50 -30.61
N ASN D 24 2.51 -8.98 -29.88
CA ASN D 24 1.94 -8.28 -28.72
C ASN D 24 2.76 -8.60 -27.47
N ALA D 25 3.07 -7.58 -26.67
CA ALA D 25 3.64 -7.73 -25.31
C ALA D 25 2.48 -8.03 -24.37
N ALA D 26 2.04 -9.29 -24.39
CA ALA D 26 0.75 -9.71 -23.80
C ALA D 26 0.88 -9.93 -22.28
N ASN D 27 -0.26 -9.97 -21.60
CA ASN D 27 -0.39 -10.56 -20.24
C ASN D 27 -0.92 -11.99 -20.38
N PRO D 28 -0.73 -12.83 -19.35
CA PRO D 28 -1.10 -14.25 -19.43
C PRO D 28 -2.61 -14.46 -19.56
N ARG D 29 -3.41 -13.47 -19.22
CA ARG D 29 -4.89 -13.63 -19.07
C ARG D 29 -5.64 -13.18 -20.33
N GLY D 30 -4.94 -12.65 -21.34
CA GLY D 30 -5.60 -12.07 -22.52
C GLY D 30 -6.39 -10.82 -22.22
N LEU D 31 -5.98 -10.05 -21.21
CA LEU D 31 -6.64 -8.78 -20.83
C LEU D 31 -6.12 -7.66 -21.72
N PRO D 32 -6.91 -6.57 -21.91
CA PRO D 32 -6.49 -5.42 -22.70
C PRO D 32 -5.21 -4.74 -22.21
N GLY D 33 -5.00 -4.73 -20.90
CA GLY D 33 -3.71 -4.34 -20.32
C GLY D 33 -3.43 -2.85 -20.48
N ASP D 34 -2.15 -2.50 -20.59
CA ASP D 34 -1.72 -1.08 -20.81
C ASP D 34 -0.49 -1.08 -21.72
N GLY D 35 0.01 0.10 -22.10
CA GLY D 35 1.19 0.21 -22.99
C GLY D 35 0.90 -0.42 -24.35
N VAL D 36 1.88 -1.13 -24.90
CA VAL D 36 1.80 -1.87 -26.18
C VAL D 36 0.49 -2.69 -26.21
N CYS D 37 0.21 -3.41 -25.13
CA CYS D 37 -0.89 -4.39 -25.10
C CYS D 37 -2.19 -3.62 -25.34
N LYS D 38 -2.33 -2.41 -24.76
CA LYS D 38 -3.59 -1.61 -24.88
C LYS D 38 -3.73 -1.12 -26.32
N ALA D 39 -2.61 -0.80 -26.96
CA ALA D 39 -2.59 -0.25 -28.35
C ALA D 39 -2.95 -1.37 -29.31
N VAL D 40 -2.46 -2.57 -29.02
CA VAL D 40 -2.75 -3.78 -29.82
C VAL D 40 -4.25 -4.09 -29.62
N TYR D 41 -4.78 -3.95 -28.40
CA TYR D 41 -6.21 -4.22 -28.12
C TYR D 41 -7.13 -3.26 -28.93
N LYS D 42 -6.76 -1.97 -29.00
CA LYS D 42 -7.57 -0.96 -29.73
C LYS D 42 -7.51 -1.23 -31.23
N LYS D 43 -6.37 -1.69 -31.75
CA LYS D 43 -6.16 -1.87 -33.21
C LYS D 43 -6.73 -3.21 -33.67
N TRP D 44 -6.54 -4.28 -32.92
CA TRP D 44 -6.87 -5.66 -33.32
C TRP D 44 -7.64 -6.37 -32.19
N PRO D 45 -8.77 -5.81 -31.71
CA PRO D 45 -9.48 -6.41 -30.56
C PRO D 45 -9.92 -7.85 -30.78
N GLU D 46 -10.26 -8.23 -32.04
CA GLU D 46 -10.71 -9.60 -32.40
C GLU D 46 -9.63 -10.64 -32.08
N SER D 47 -8.34 -10.23 -32.08
CA SER D 47 -7.19 -11.14 -31.84
C SER D 47 -7.12 -11.54 -30.36
N PHE D 48 -7.96 -10.97 -29.50
CA PHE D 48 -7.94 -11.29 -28.04
C PHE D 48 -8.91 -12.44 -27.67
N LYS D 49 -9.57 -13.03 -28.67
CA LYS D 49 -10.46 -14.20 -28.48
C LYS D 49 -9.59 -15.42 -28.14
N ASN D 50 -9.68 -15.90 -26.89
CA ASN D 50 -8.90 -17.06 -26.42
C ASN D 50 -7.38 -16.82 -26.64
N SER D 51 -6.89 -15.62 -26.33
CA SER D 51 -5.44 -15.27 -26.42
C SER D 51 -4.69 -15.67 -25.14
N ALA D 52 -5.40 -15.94 -24.03
CA ALA D 52 -4.74 -16.29 -22.75
C ALA D 52 -3.74 -17.43 -22.94
N THR D 53 -2.55 -17.32 -22.35
CA THR D 53 -1.49 -18.34 -22.54
C THR D 53 -0.48 -18.13 -21.42
N PRO D 54 0.27 -19.19 -21.02
CA PRO D 54 1.20 -19.05 -19.90
C PRO D 54 2.40 -18.12 -20.18
N VAL D 55 3.05 -17.71 -19.09
CA VAL D 55 4.38 -17.02 -19.17
C VAL D 55 5.36 -17.90 -19.93
N GLY D 56 6.15 -17.30 -20.82
CA GLY D 56 7.15 -18.02 -21.63
C GLY D 56 6.62 -18.65 -22.90
N THR D 57 5.36 -18.38 -23.26
CA THR D 57 4.71 -18.96 -24.46
C THR D 57 4.24 -17.85 -25.41
N ALA D 58 3.96 -18.25 -26.64
CA ALA D 58 3.34 -17.36 -27.63
C ALA D 58 2.07 -18.04 -28.16
N LYS D 59 1.03 -17.27 -28.42
CA LYS D 59 -0.21 -17.81 -29.00
C LYS D 59 -0.71 -16.84 -30.08
N THR D 60 -0.81 -17.33 -31.31
CA THR D 60 -1.22 -16.53 -32.49
C THR D 60 -2.73 -16.58 -32.66
N VAL D 61 -3.32 -15.41 -32.77
CA VAL D 61 -4.78 -15.26 -33.10
C VAL D 61 -4.88 -14.26 -34.24
N MET D 62 -5.66 -14.61 -35.26
N MET D 62 -5.69 -14.59 -35.25
CA MET D 62 -5.86 -13.75 -36.46
CA MET D 62 -5.83 -13.75 -36.47
C MET D 62 -6.87 -12.65 -36.15
C MET D 62 -6.87 -12.67 -36.20
N CYS D 63 -6.61 -11.45 -36.68
CA CYS D 63 -7.58 -10.35 -36.72
C CYS D 63 -7.88 -10.16 -38.21
N GLY D 64 -8.96 -10.73 -38.69
CA GLY D 64 -9.08 -10.95 -40.15
C GLY D 64 -8.08 -11.98 -40.64
N THR D 65 -7.13 -11.62 -41.52
CA THR D 65 -6.02 -12.51 -41.94
C THR D 65 -4.67 -12.02 -41.36
N TYR D 66 -4.69 -11.00 -40.53
CA TYR D 66 -3.48 -10.36 -39.96
C TYR D 66 -3.13 -11.07 -38.65
N PRO D 67 -1.98 -11.75 -38.56
CA PRO D 67 -1.65 -12.51 -37.36
C PRO D 67 -1.12 -11.63 -36.23
N VAL D 68 -1.66 -11.82 -35.04
CA VAL D 68 -1.21 -11.17 -33.79
C VAL D 68 -0.64 -12.30 -32.92
N ILE D 69 0.68 -12.26 -32.69
CA ILE D 69 1.43 -13.27 -31.91
C ILE D 69 1.49 -12.74 -30.49
N HIS D 70 0.64 -13.24 -29.59
CA HIS D 70 0.60 -12.80 -28.19
C HIS D 70 1.74 -13.48 -27.42
N ALA D 71 2.79 -12.72 -27.11
CA ALA D 71 3.99 -13.25 -26.42
C ALA D 71 3.99 -12.80 -24.98
N VAL D 72 4.08 -13.75 -24.01
CA VAL D 72 3.96 -13.40 -22.58
C VAL D 72 5.35 -13.45 -21.93
N GLY D 73 5.97 -12.31 -21.79
CA GLY D 73 7.23 -12.24 -21.06
C GLY D 73 6.95 -12.26 -19.57
N PRO D 74 7.95 -12.60 -18.75
CA PRO D 74 7.76 -12.60 -17.33
C PRO D 74 7.73 -11.21 -16.72
N ASN D 75 6.96 -11.06 -15.67
CA ASN D 75 6.96 -9.88 -14.79
C ASN D 75 8.06 -10.03 -13.75
N PHE D 76 9.14 -9.25 -13.89
CA PHE D 76 10.31 -9.32 -12.97
C PHE D 76 9.98 -8.79 -11.56
N SER D 77 8.81 -8.20 -11.37
CA SER D 77 8.29 -7.94 -9.99
C SER D 77 7.91 -9.26 -9.30
N ASN D 78 7.62 -10.31 -10.06
CA ASN D 78 7.15 -11.61 -9.52
C ASN D 78 8.27 -12.65 -9.55
N TYR D 79 9.08 -12.65 -10.61
CA TYR D 79 10.08 -13.70 -10.89
C TYR D 79 11.45 -13.22 -10.36
N THR D 80 12.28 -14.16 -9.93
CA THR D 80 13.71 -13.91 -9.64
C THR D 80 14.44 -13.58 -10.92
N GLU D 81 15.61 -12.95 -10.83
CA GLU D 81 16.42 -12.69 -12.03
C GLU D 81 16.64 -13.98 -12.78
N SER D 82 16.97 -15.06 -12.06
CA SER D 82 17.32 -16.34 -12.68
C SER D 82 16.10 -16.92 -13.44
N GLU D 83 14.98 -17.09 -12.75
CA GLU D 83 13.80 -17.77 -13.38
C GLU D 83 13.21 -16.83 -14.46
N GLY D 84 13.19 -15.53 -14.22
CA GLY D 84 12.78 -14.53 -15.23
C GLY D 84 13.57 -14.63 -16.51
N ASP D 85 14.91 -14.67 -16.42
CA ASP D 85 15.80 -14.73 -17.60
C ASP D 85 15.42 -15.92 -18.47
N ARG D 86 15.14 -17.07 -17.84
CA ARG D 86 14.80 -18.33 -18.53
C ARG D 86 13.47 -18.13 -19.28
N GLU D 87 12.48 -17.54 -18.62
CA GLU D 87 11.11 -17.34 -19.21
C GLU D 87 11.18 -16.31 -20.35
N LEU D 88 12.03 -15.29 -20.22
CA LEU D 88 12.13 -14.22 -21.24
C LEU D 88 12.76 -14.84 -22.50
N ALA D 89 13.79 -15.69 -22.35
CA ALA D 89 14.37 -16.47 -23.46
C ALA D 89 13.29 -17.35 -24.11
N ALA D 90 12.46 -18.01 -23.31
CA ALA D 90 11.46 -18.97 -23.84
C ALA D 90 10.38 -18.19 -24.64
N ALA D 91 9.96 -17.03 -24.16
CA ALA D 91 8.90 -16.25 -24.85
C ALA D 91 9.38 -15.91 -26.27
N TYR D 92 10.61 -15.41 -26.41
CA TYR D 92 11.15 -15.08 -27.74
C TYR D 92 11.35 -16.35 -28.57
N ARG D 93 11.82 -17.46 -28.00
CA ARG D 93 11.92 -18.74 -28.75
C ARG D 93 10.56 -19.12 -29.34
N GLU D 94 9.48 -19.01 -28.55
CA GLU D 94 8.13 -19.38 -29.04
C GLU D 94 7.65 -18.37 -30.08
N VAL D 95 8.01 -17.09 -29.97
CA VAL D 95 7.72 -16.10 -31.07
C VAL D 95 8.41 -16.54 -32.37
N ALA D 96 9.69 -16.86 -32.34
CA ALA D 96 10.46 -17.29 -33.54
C ALA D 96 9.79 -18.53 -34.17
N LYS D 97 9.35 -19.50 -33.38
CA LYS D 97 8.69 -20.72 -33.90
C LYS D 97 7.39 -20.30 -34.64
N GLU D 98 6.61 -19.39 -34.07
CA GLU D 98 5.34 -18.92 -34.71
C GLU D 98 5.64 -18.18 -36.02
N VAL D 99 6.65 -17.31 -36.06
CA VAL D 99 7.02 -16.55 -37.28
C VAL D 99 7.38 -17.56 -38.38
N THR D 100 8.21 -18.54 -38.09
CA THR D 100 8.59 -19.58 -39.07
C THR D 100 7.31 -20.29 -39.52
N ARG D 101 6.48 -20.73 -38.58
CA ARG D 101 5.28 -21.56 -38.90
C ARG D 101 4.36 -20.77 -39.85
N LEU D 102 4.20 -19.47 -39.61
CA LEU D 102 3.26 -18.62 -40.37
C LEU D 102 3.81 -18.35 -41.77
N GLY D 103 5.13 -18.45 -41.97
CA GLY D 103 5.74 -18.22 -43.31
C GLY D 103 5.76 -16.76 -43.72
N VAL D 104 5.66 -15.84 -42.77
CA VAL D 104 5.66 -14.38 -43.04
C VAL D 104 7.06 -13.94 -43.48
N ASN D 105 7.10 -12.87 -44.25
CA ASN D 105 8.34 -12.25 -44.73
C ASN D 105 8.84 -11.23 -43.71
N SER D 106 7.98 -10.73 -42.82
CA SER D 106 8.35 -9.63 -41.90
C SER D 106 7.52 -9.75 -40.63
N VAL D 107 8.04 -9.15 -39.56
CA VAL D 107 7.40 -9.14 -38.21
C VAL D 107 7.79 -7.86 -37.48
N ALA D 108 6.80 -7.23 -36.84
CA ALA D 108 6.89 -6.09 -35.92
C ALA D 108 6.97 -6.67 -34.51
N ILE D 109 8.00 -6.29 -33.74
N ILE D 109 8.03 -6.33 -33.76
CA ILE D 109 8.26 -6.89 -32.40
CA ILE D 109 8.27 -6.86 -32.39
C ILE D 109 8.65 -5.80 -31.40
C ILE D 109 8.58 -5.73 -31.43
N PRO D 110 8.04 -5.78 -30.19
CA PRO D 110 8.46 -4.90 -29.13
C PRO D 110 9.50 -5.63 -28.27
N LEU D 111 10.15 -4.91 -27.36
CA LEU D 111 11.12 -5.55 -26.43
C LEU D 111 10.34 -5.99 -25.18
N LEU D 112 10.15 -7.30 -25.07
CA LEU D 112 9.37 -7.93 -23.99
C LEU D 112 10.03 -7.64 -22.65
N SER D 113 9.20 -7.46 -21.62
CA SER D 113 9.58 -7.32 -20.21
C SER D 113 10.40 -6.03 -19.94
N THR D 114 10.32 -5.01 -20.81
CA THR D 114 11.11 -3.74 -20.61
C THR D 114 10.29 -2.57 -20.11
N GLY D 115 8.97 -2.71 -19.99
CA GLY D 115 8.08 -1.67 -19.45
C GLY D 115 7.61 -2.02 -18.06
N VAL D 116 6.29 -2.16 -17.86
CA VAL D 116 5.74 -2.37 -16.48
C VAL D 116 6.15 -3.76 -15.97
N TYR D 117 6.65 -4.66 -16.83
CA TYR D 117 7.13 -6.00 -16.40
C TYR D 117 8.64 -6.00 -16.05
N SER D 118 9.26 -4.82 -16.01
CA SER D 118 10.74 -4.66 -15.89
C SER D 118 11.20 -4.82 -14.45
N GLY D 119 10.30 -4.70 -13.48
CA GLY D 119 10.64 -4.74 -12.05
C GLY D 119 11.50 -3.52 -11.66
N GLY D 120 11.31 -2.38 -12.34
CA GLY D 120 12.00 -1.09 -12.07
C GLY D 120 13.44 -1.05 -12.58
N LYS D 121 13.80 -1.92 -13.54
CA LYS D 121 15.20 -2.09 -14.00
C LYS D 121 15.24 -1.85 -15.50
N ASP D 122 16.39 -1.36 -15.98
CA ASP D 122 16.65 -1.16 -17.42
C ASP D 122 17.03 -2.52 -18.01
N ARG D 123 16.16 -3.09 -18.85
CA ARG D 123 16.37 -4.44 -19.43
C ARG D 123 16.50 -4.37 -20.95
N LEU D 124 16.87 -3.23 -21.52
CA LEU D 124 17.09 -3.09 -22.99
C LEU D 124 18.06 -4.15 -23.52
N THR D 125 19.31 -4.20 -23.03
CA THR D 125 20.33 -5.15 -23.52
C THR D 125 19.85 -6.60 -23.32
N GLN D 126 19.33 -6.91 -22.15
CA GLN D 126 18.87 -8.29 -21.81
C GLN D 126 17.72 -8.70 -22.74
N SER D 127 16.71 -7.85 -22.89
CA SER D 127 15.57 -8.19 -23.80
C SER D 127 16.05 -8.29 -25.27
N LEU D 128 16.90 -7.37 -25.71
CA LEU D 128 17.41 -7.38 -27.11
C LEU D 128 18.28 -8.61 -27.34
N ASN D 129 19.02 -9.09 -26.32
CA ASN D 129 19.91 -10.26 -26.56
C ASN D 129 19.07 -11.52 -26.78
N HIS D 130 18.02 -11.72 -25.99
CA HIS D 130 17.10 -12.87 -26.18
C HIS D 130 16.35 -12.77 -27.53
N LEU D 131 15.97 -11.57 -27.95
CA LEU D 131 15.32 -11.31 -29.28
C LEU D 131 16.26 -11.79 -30.41
N PHE D 132 17.54 -11.38 -30.39
CA PHE D 132 18.48 -11.73 -31.49
C PHE D 132 18.66 -13.24 -31.50
N THR D 133 18.88 -13.84 -30.32
CA THR D 133 19.18 -15.28 -30.23
C THR D 133 18.03 -16.09 -30.82
N ALA D 134 16.79 -15.73 -30.50
CA ALA D 134 15.61 -16.46 -31.02
C ALA D 134 15.44 -16.19 -32.51
N MET D 135 15.46 -14.92 -32.89
CA MET D 135 14.99 -14.50 -34.24
C MET D 135 16.08 -14.81 -35.28
N ASP D 136 17.35 -15.02 -34.84
CA ASP D 136 18.43 -15.40 -35.80
C ASP D 136 18.06 -16.71 -36.49
N SER D 137 17.21 -17.55 -35.88
CA SER D 137 16.84 -18.87 -36.45
C SER D 137 15.72 -18.73 -37.51
N THR D 138 15.23 -17.51 -37.77
CA THR D 138 14.18 -17.24 -38.81
C THR D 138 14.83 -16.59 -40.02
N ASP D 139 14.12 -16.46 -41.15
CA ASP D 139 14.64 -15.67 -42.31
C ASP D 139 13.79 -14.38 -42.51
N ALA D 140 13.03 -13.96 -41.51
CA ALA D 140 12.10 -12.80 -41.62
C ALA D 140 12.87 -11.51 -41.44
N ASP D 141 12.43 -10.45 -42.11
CA ASP D 141 12.76 -9.05 -41.77
C ASP D 141 12.10 -8.75 -40.42
N VAL D 142 12.91 -8.37 -39.45
CA VAL D 142 12.45 -8.07 -38.08
C VAL D 142 12.56 -6.57 -37.90
N VAL D 143 11.47 -5.94 -37.50
CA VAL D 143 11.40 -4.50 -37.18
C VAL D 143 10.99 -4.33 -35.72
N ILE D 144 11.93 -3.79 -34.93
CA ILE D 144 11.73 -3.52 -33.50
C ILE D 144 11.11 -2.16 -33.32
N TYR D 145 10.04 -2.06 -32.54
CA TYR D 145 9.35 -0.78 -32.30
C TYR D 145 9.65 -0.31 -30.87
N CYS D 146 10.02 0.96 -30.71
CA CYS D 146 10.25 1.62 -29.41
C CYS D 146 9.61 3.01 -29.43
N ARG D 147 9.57 3.65 -28.27
CA ARG D 147 8.94 4.98 -28.03
C ARG D 147 10.04 6.01 -27.80
N ASP D 148 11.08 5.63 -27.06
CA ASP D 148 12.11 6.58 -26.50
C ASP D 148 13.24 6.83 -27.50
N LYS D 149 13.67 8.09 -27.68
CA LYS D 149 14.78 8.42 -28.62
C LYS D 149 16.11 7.81 -28.17
N GLU D 150 16.43 7.83 -26.87
CA GLU D 150 17.71 7.23 -26.39
C GLU D 150 17.64 5.71 -26.60
N TRP D 151 16.47 5.09 -26.44
CA TRP D 151 16.31 3.62 -26.68
C TRP D 151 16.45 3.30 -28.17
N GLU D 152 15.84 4.11 -29.04
CA GLU D 152 16.02 3.98 -30.51
C GLU D 152 17.53 3.96 -30.82
N LYS D 153 18.27 4.90 -30.22
CA LYS D 153 19.72 5.05 -30.50
C LYS D 153 20.46 3.77 -30.08
N LYS D 154 20.20 3.27 -28.86
CA LYS D 154 20.89 2.08 -28.27
C LYS D 154 20.54 0.81 -29.06
N ILE D 155 19.25 0.63 -29.43
CA ILE D 155 18.85 -0.54 -30.26
C ILE D 155 19.57 -0.45 -31.61
N SER D 156 19.63 0.74 -32.21
CA SER D 156 20.32 0.92 -33.51
C SER D 156 21.80 0.52 -33.36
N GLU D 157 22.46 0.99 -32.31
CA GLU D 157 23.90 0.66 -32.05
C GLU D 157 24.06 -0.84 -31.92
N ALA D 158 23.19 -1.49 -31.14
CA ALA D 158 23.23 -2.96 -30.92
C ALA D 158 23.11 -3.73 -32.25
N ILE D 159 22.24 -3.29 -33.17
CA ILE D 159 22.07 -3.95 -34.50
C ILE D 159 23.38 -3.78 -35.27
N GLN D 160 23.92 -2.56 -35.25
CA GLN D 160 25.17 -2.20 -35.98
C GLN D 160 26.32 -3.14 -35.55
N MET D 161 26.43 -3.44 -34.25
CA MET D 161 27.62 -4.13 -33.67
C MET D 161 27.64 -5.62 -34.00
N ARG D 162 26.53 -6.23 -34.42
CA ARG D 162 26.47 -7.68 -34.73
C ARG D 162 27.07 -7.97 -36.11
N THR D 163 26.94 -7.00 -37.03
CA THR D 163 27.32 -7.11 -38.45
C THR D 163 28.83 -6.86 -38.58
S DMS E . 5.87 6.57 1.55
O DMS E . 5.05 6.57 0.24
C1 DMS E . 5.49 8.05 2.38
C2 DMS E . 7.53 7.06 1.08
S DMS F . 2.80 25.03 -4.17
O DMS F . 3.53 24.09 -5.07
C1 DMS F . 1.38 25.48 -5.14
C2 DMS F . 3.62 26.58 -4.31
S DMS G . 1.20 30.61 7.58
O DMS G . 0.01 30.57 6.65
C1 DMS G . 0.59 30.89 9.22
C2 DMS G . 1.99 32.18 7.35
C TRS H . -10.52 28.79 -15.26
C1 TRS H . -11.38 28.39 -14.06
C2 TRS H . -9.96 27.57 -15.99
C3 TRS H . -11.33 29.64 -16.24
N TRS H . -9.35 29.60 -14.74
O1 TRS H . -11.86 29.51 -13.30
O2 TRS H . -10.97 26.68 -16.45
O3 TRS H . -10.49 30.42 -17.07
S DMS I . -10.85 9.43 -11.05
O DMS I . -11.59 9.73 -9.76
C1 DMS I . -9.16 9.78 -10.73
C2 DMS I . -11.12 10.81 -12.14
S DMS J . -0.84 26.50 1.94
O DMS J . -1.83 25.79 0.99
C1 DMS J . 0.63 25.51 1.93
C2 DMS J . -1.41 26.12 3.59
S DMS K . -11.57 22.20 15.87
O DMS K . -11.71 20.77 15.47
C1 DMS K . -10.68 22.18 17.43
C2 DMS K . -13.18 22.74 16.40
CL CL L . -0.26 28.19 -1.13
CL CL M . -0.84 27.30 8.84
C10 ES5 N . 4.40 19.29 10.31
N01 ES5 N . 2.36 20.35 13.18
C02 ES5 N . 2.79 20.17 11.90
C03 ES5 N . 2.02 20.65 10.82
C04 ES5 N . 2.42 20.46 9.54
C05 ES5 N . 3.62 19.77 9.24
N06 ES5 N . 3.96 19.55 7.93
C07 ES5 N . 5.05 18.86 7.68
C08 ES5 N . 5.88 18.33 8.67
C09 ES5 N . 5.57 18.55 9.98
C11 ES5 N . 3.98 19.50 11.63
C10 ES5 O . 1.41 20.79 5.46
N01 ES5 O . -1.84 22.47 5.97
C02 ES5 O . -0.48 22.27 5.89
C03 ES5 O . 0.39 23.36 5.90
C04 ES5 O . 1.73 23.20 5.70
C05 ES5 O . 2.27 21.92 5.46
N06 ES5 O . 3.60 21.80 5.15
C07 ES5 O . 4.06 20.59 4.86
C08 ES5 O . 3.29 19.44 4.85
C09 ES5 O . 1.96 19.54 5.14
C11 ES5 O . 0.03 20.99 5.69
S DMS P . 13.46 8.48 23.40
O DMS P . 12.49 9.44 22.80
C1 DMS P . 12.92 8.22 25.07
C2 DMS P . 14.89 9.46 23.81
S DMS Q . 18.57 -3.34 23.07
O DMS Q . 17.32 -2.86 23.75
C1 DMS Q . 18.44 -5.11 22.97
C2 DMS Q . 19.87 -3.26 24.26
CL CL R . 14.76 -5.16 22.71
CL CL S . 14.72 4.44 26.21
C10 ES5 T . 11.65 -0.77 19.15
N01 ES5 T . 13.32 1.32 16.59
C02 ES5 T . 12.34 0.68 17.31
C03 ES5 T . 10.99 0.80 16.93
C04 ES5 T . 10.00 0.15 17.60
C05 ES5 T . 10.31 -0.65 18.73
N06 ES5 T . 9.28 -1.32 19.37
C07 ES5 T . 9.61 -2.06 20.42
C08 ES5 T . 10.91 -2.21 20.91
C09 ES5 T . 11.93 -1.57 20.28
C11 ES5 T . 12.65 -0.08 18.42
S DMS U . -11.34 -12.43 5.23
O DMS U . -9.84 -12.36 5.16
C1 DMS U . -11.84 -13.56 3.98
C2 DMS U . -11.74 -13.42 6.66
CL CL V . -17.65 -13.12 2.12
CL CL W . -9.67 -10.15 7.59
S DMS X . -7.77 -32.32 10.01
O DMS X . -6.44 -31.69 9.66
C1 DMS X . -8.96 -31.71 8.85
C2 DMS X . -8.38 -31.51 11.47
S DMS Y . -7.42 -12.55 11.19
O DMS Y . -6.20 -12.54 10.31
C1 DMS Y . -7.09 -13.78 12.43
C2 DMS Y . -8.70 -13.43 10.31
S DMS Z . -0.55 0.92 -4.70
O DMS Z . -1.22 1.42 -3.43
C1 DMS Z . 1.19 0.86 -4.37
C2 DMS Z . -0.51 2.28 -5.85
S DMS AA . -18.12 -9.63 4.61
O DMS AA . -17.71 -11.08 4.70
C1 DMS AA . -19.86 -9.64 4.27
C2 DMS AA . -18.21 -9.05 6.29
S DMS BA . 7.09 -2.65 -23.59
O DMS BA . 5.81 -1.85 -23.61
C1 DMS BA . 7.98 -2.17 -25.05
C2 DMS BA . 6.64 -4.29 -24.11
C TRS CA . 6.51 -22.61 -18.88
C1 TRS CA . 6.31 -23.70 -17.84
C2 TRS CA . 7.97 -22.55 -19.32
C3 TRS CA . 5.60 -22.83 -20.09
N TRS CA . 6.16 -21.28 -18.25
O1 TRS CA . 6.96 -23.39 -16.62
O2 TRS CA . 8.18 -21.66 -20.41
O3 TRS CA . 4.27 -23.15 -19.71
S DMS DA . -9.16 0.94 -35.28
O DMS DA . -7.70 1.25 -35.00
C1 DMS DA . -10.04 1.36 -33.79
C2 DMS DA . -9.38 -0.85 -35.25
S DMS EA . 1.84 -5.49 -19.81
O DMS EA . 0.63 -5.88 -20.60
C1 DMS EA . 2.20 -3.82 -20.25
C2 DMS EA . 3.22 -6.28 -20.59
S DMS FA . -3.20 -19.84 -36.24
O DMS FA . -2.03 -19.13 -36.86
C1 DMS FA . -4.28 -18.58 -35.65
C2 DMS FA . -2.65 -20.43 -34.65
CL CL GA . 11.21 2.49 -25.52
CL CL HA . 6.51 -4.98 -20.42
#